data_3O2R
#
_entry.id   3O2R
#
_cell.length_a   38.451
_cell.length_b   61.552
_cell.length_c   118.093
_cell.angle_alpha   90.00
_cell.angle_beta   90.09
_cell.angle_gamma   90.00
#
_symmetry.space_group_name_H-M   'P 1 21 1'
#
loop_
_entity.id
_entity.type
_entity.pdbx_description
1 polymer 'Ribonuclease III'
2 polymer 'Ribonuclease III'
3 non-polymer 'CHLORIDE ION'
4 water water
#
loop_
_entity_poly.entity_id
_entity_poly.type
_entity_poly.pdbx_seq_one_letter_code
_entity_poly.pdbx_strand_id
1 'polypeptide(L)'
;MHHHHHHSSGVDLGTENLYFQSNAMKNIEKLEQSLTYEFKDKNLLIHALTHKSFKKSYNNERLEFLGDAVLDLVVGEYLF
HKFAKDAEGDLSKLRAALVNEKSFAKIANSLNLGDFILMSVAEENNGGKEKPSILSDALEAIIGAIHLEAGFEFAKTIAL
RLIEKNFPQI
;
A,C
2 'polypeptide(L)'
;MHHHHHHSSGVDLGTENLYFQSNAMKNIEKLEQSLTYEFKDKNLLIHALTHKSF(MLZ)KSYNNERLEFLGDAVLDLVVG
EYLFHKFAKDAEGDLSKLRAALVNEKSFAKIANSLNLGDFILMSVAEENNGGKEKPSILSDALEAIIGAIHLEAGFEFAK
TIALRLIEKNFPQI
;
B,D
#
loop_
_chem_comp.id
_chem_comp.type
_chem_comp.name
_chem_comp.formula
CL non-polymer 'CHLORIDE ION' 'Cl -1'
#
# COMPACT_ATOMS: atom_id res chain seq x y z
N ASN A 27 38.02 10.29 2.82
CA ASN A 27 37.72 9.90 4.23
C ASN A 27 36.26 9.49 4.42
N ILE A 28 35.36 10.15 3.70
N ILE A 28 35.36 10.17 3.71
CA ILE A 28 33.91 9.88 3.80
CA ILE A 28 33.91 9.89 3.77
C ILE A 28 33.58 8.39 3.55
C ILE A 28 33.58 8.40 3.54
N GLU A 29 34.34 7.75 2.66
CA GLU A 29 34.16 6.32 2.36
C GLU A 29 34.34 5.43 3.61
N LYS A 30 35.20 5.85 4.53
CA LYS A 30 35.38 5.15 5.78
C LYS A 30 34.08 5.14 6.57
N LEU A 31 33.41 6.29 6.65
CA LEU A 31 32.10 6.38 7.35
C LEU A 31 31.03 5.50 6.69
N GLU A 32 30.98 5.55 5.38
CA GLU A 32 30.07 4.67 4.63
C GLU A 32 30.33 3.18 4.89
N GLN A 33 31.60 2.84 5.02
N GLN A 33 31.60 2.78 5.00
CA GLN A 33 32.01 1.47 5.31
CA GLN A 33 31.85 1.38 5.32
C GLN A 33 31.51 1.07 6.71
C GLN A 33 31.38 1.07 6.73
N SER A 34 31.63 2.00 7.66
CA SER A 34 31.18 1.80 9.05
C SER A 34 29.63 1.68 9.12
N LEU A 35 28.95 2.48 8.31
CA LEU A 35 27.47 2.45 8.23
C LEU A 35 26.94 1.25 7.48
N THR A 36 27.83 0.57 6.75
CA THR A 36 27.43 -0.48 5.79
C THR A 36 26.36 0.04 4.84
N TYR A 37 26.52 1.30 4.46
N TYR A 37 26.50 1.32 4.45
CA TYR A 37 25.61 1.98 3.56
CA TYR A 37 25.62 1.94 3.44
C TYR A 37 26.36 2.98 2.71
C TYR A 37 26.38 2.95 2.60
N GLU A 38 26.22 2.84 1.39
N GLU A 38 26.25 2.81 1.29
CA GLU A 38 26.87 3.73 0.41
CA GLU A 38 26.89 3.73 0.34
C GLU A 38 25.84 4.71 -0.14
C GLU A 38 25.88 4.71 -0.20
N PHE A 39 26.07 5.99 0.12
CA PHE A 39 25.19 7.05 -0.39
C PHE A 39 25.16 7.21 -1.91
N LYS A 40 23.96 7.39 -2.45
N LYS A 40 23.96 7.39 -2.45
CA LYS A 40 23.76 7.66 -3.87
CA LYS A 40 23.77 7.69 -3.87
C LYS A 40 24.12 9.12 -4.11
C LYS A 40 24.18 9.13 -4.07
N ASP A 41 23.56 10.00 -3.28
CA ASP A 41 23.86 11.44 -3.28
C ASP A 41 24.80 11.74 -2.10
N LYS A 42 26.09 11.91 -2.38
CA LYS A 42 27.09 12.20 -1.33
C LYS A 42 26.84 13.52 -0.57
N ASN A 43 26.30 14.52 -1.25
CA ASN A 43 26.00 15.82 -0.62
C ASN A 43 24.94 15.74 0.48
N LEU A 44 24.08 14.74 0.37
N LEU A 44 24.05 14.74 0.38
CA LEU A 44 23.04 14.50 1.35
CA LEU A 44 23.00 14.47 1.41
C LEU A 44 23.70 14.07 2.68
C LEU A 44 23.67 14.04 2.71
N LEU A 45 24.69 13.21 2.57
CA LEU A 45 25.48 12.77 3.72
C LEU A 45 26.23 13.97 4.34
N ILE A 46 26.84 14.78 3.47
N ILE A 46 26.86 14.76 3.50
CA ILE A 46 27.48 16.04 3.91
CA ILE A 46 27.56 15.94 4.00
C ILE A 46 26.52 16.87 4.73
C ILE A 46 26.54 16.91 4.70
N HIS A 47 25.33 17.02 4.17
CA HIS A 47 24.27 17.80 4.80
C HIS A 47 23.97 17.30 6.23
N ALA A 48 23.83 15.98 6.35
CA ALA A 48 23.57 15.35 7.64
C ALA A 48 24.68 15.57 8.66
N LEU A 49 25.90 15.75 8.13
CA LEU A 49 27.09 15.96 8.94
C LEU A 49 27.37 17.42 9.29
N THR A 50 26.51 18.33 8.84
CA THR A 50 26.74 19.78 8.99
C THR A 50 26.05 20.35 10.23
N HIS A 51 26.85 20.60 11.24
CA HIS A 51 26.37 21.22 12.48
C HIS A 51 25.91 22.65 12.21
N LYS A 52 24.94 23.09 13.00
CA LYS A 52 24.32 24.41 12.83
C LYS A 52 25.27 25.62 12.92
N SER A 53 26.45 25.44 13.50
CA SER A 53 27.44 26.53 13.58
C SER A 53 28.16 26.81 12.26
N PHE A 54 28.11 25.86 11.33
CA PHE A 54 29.04 25.86 10.18
C PHE A 54 28.79 26.88 9.09
N LYS A 55 27.55 26.93 8.61
CA LYS A 55 27.22 27.74 7.45
CA LYS A 55 27.18 27.64 7.42
C LYS A 55 25.76 28.20 7.54
N LYS A 56 25.57 29.47 7.23
CA LYS A 56 24.26 30.09 7.32
CA LYS A 56 24.27 30.10 7.28
C LYS A 56 23.27 29.38 6.40
N SER A 57 22.09 29.15 6.94
CA SER A 57 20.94 28.53 6.28
C SER A 57 21.14 27.12 5.70
N TYR A 58 22.15 26.40 6.17
CA TYR A 58 22.36 25.03 5.71
C TYR A 58 22.92 24.23 6.86
N ASN A 59 22.12 23.32 7.41
CA ASN A 59 22.57 22.48 8.52
C ASN A 59 21.74 21.20 8.60
N ASN A 60 22.08 20.35 9.57
CA ASN A 60 21.45 19.03 9.71
C ASN A 60 20.18 18.96 10.55
N GLU A 61 19.64 20.11 10.97
CA GLU A 61 18.52 20.11 11.94
CA GLU A 61 18.51 20.15 11.92
C GLU A 61 17.23 19.52 11.35
N ARG A 62 16.91 19.83 10.11
CA ARG A 62 15.70 19.23 9.47
C ARG A 62 15.86 17.72 9.29
N LEU A 63 17.04 17.29 8.83
CA LEU A 63 17.32 15.85 8.67
C LEU A 63 17.29 15.12 10.02
N GLU A 64 17.77 15.79 11.07
N GLU A 64 17.78 15.78 11.06
CA GLU A 64 17.73 15.23 12.44
CA GLU A 64 17.73 15.23 12.41
C GLU A 64 16.27 15.01 12.87
C GLU A 64 16.27 15.00 12.83
N PHE A 65 15.42 15.99 12.57
CA PHE A 65 13.98 15.88 12.86
C PHE A 65 13.36 14.67 12.17
N LEU A 66 13.64 14.54 10.89
CA LEU A 66 13.15 13.42 10.11
C LEU A 66 13.69 12.07 10.64
N GLY A 67 15.01 12.02 10.86
CA GLY A 67 15.63 10.82 11.35
C GLY A 67 15.15 10.38 12.72
N ASP A 68 14.86 11.35 13.59
CA ASP A 68 14.33 11.02 14.90
C ASP A 68 12.98 10.30 14.76
N ALA A 69 12.16 10.78 13.83
CA ALA A 69 10.87 10.11 13.57
C ALA A 69 11.07 8.71 12.98
N VAL A 70 12.05 8.56 12.08
CA VAL A 70 12.36 7.27 11.53
C VAL A 70 12.77 6.32 12.65
N LEU A 71 13.69 6.78 13.51
CA LEU A 71 14.21 5.94 14.58
C LEU A 71 13.16 5.56 15.60
N ASP A 72 12.25 6.47 15.92
CA ASP A 72 11.17 6.14 16.85
C ASP A 72 10.29 5.02 16.30
N LEU A 73 10.08 5.01 14.98
CA LEU A 73 9.31 3.93 14.35
C LEU A 73 10.12 2.64 14.27
N VAL A 74 11.39 2.75 13.84
CA VAL A 74 12.24 1.56 13.75
C VAL A 74 12.27 0.85 15.11
N VAL A 75 12.58 1.62 16.15
CA VAL A 75 12.68 1.02 17.47
C VAL A 75 11.32 0.62 18.03
N GLY A 76 10.29 1.44 17.83
CA GLY A 76 8.96 1.07 18.31
C GLY A 76 8.48 -0.25 17.71
N GLU A 77 8.69 -0.40 16.40
CA GLU A 77 8.30 -1.63 15.70
C GLU A 77 9.13 -2.84 16.18
N TYR A 78 10.45 -2.64 16.26
CA TYR A 78 11.36 -3.70 16.71
C TYR A 78 10.89 -4.25 18.06
N LEU A 79 10.59 -3.36 18.99
CA LEU A 79 10.17 -3.73 20.33
C LEU A 79 8.78 -4.35 20.34
N PHE A 80 7.88 -3.78 19.55
CA PHE A 80 6.51 -4.31 19.44
C PHE A 80 6.57 -5.82 19.12
N HIS A 81 7.40 -6.19 18.15
CA HIS A 81 7.56 -7.59 17.76
C HIS A 81 8.36 -8.43 18.76
N LYS A 82 9.44 -7.87 19.27
CA LYS A 82 10.36 -8.59 20.16
C LYS A 82 9.75 -8.87 21.53
N PHE A 83 8.83 -8.02 21.93
CA PHE A 83 8.14 -8.12 23.24
C PHE A 83 6.66 -8.14 23.00
N ALA A 84 6.18 -9.23 22.40
CA ALA A 84 4.78 -9.34 21.92
C ALA A 84 3.72 -9.22 22.99
N LYS A 85 4.14 -9.43 24.23
N LYS A 85 4.09 -9.43 24.25
CA LYS A 85 3.29 -9.43 25.46
CA LYS A 85 3.13 -9.34 25.38
C LYS A 85 3.33 -8.11 26.25
C LYS A 85 3.41 -8.18 26.35
N ASP A 86 4.33 -7.29 25.99
CA ASP A 86 4.56 -6.09 26.80
C ASP A 86 3.50 -5.04 26.57
N ALA A 87 3.08 -4.42 27.66
CA ALA A 87 2.18 -3.29 27.61
C ALA A 87 2.92 -2.07 27.11
N GLU A 88 2.15 -1.07 26.68
CA GLU A 88 2.73 0.19 26.15
C GLU A 88 3.76 0.82 27.09
N GLY A 89 3.48 0.84 28.39
CA GLY A 89 4.42 1.42 29.36
C GLY A 89 5.79 0.74 29.29
N ASP A 90 5.78 -0.57 29.14
CA ASP A 90 7.01 -1.36 29.09
C ASP A 90 7.72 -1.19 27.73
N LEU A 91 6.96 -1.15 26.64
CA LEU A 91 7.52 -0.83 25.33
C LEU A 91 8.16 0.58 25.34
N SER A 92 7.49 1.54 25.96
N SER A 92 7.49 1.51 25.99
CA SER A 92 8.02 2.90 26.03
CA SER A 92 7.98 2.89 26.07
C SER A 92 9.33 2.98 26.83
C SER A 92 9.31 2.97 26.83
N LYS A 93 9.41 2.24 27.92
CA LYS A 93 10.64 2.22 28.72
CA LYS A 93 10.65 2.21 28.72
C LYS A 93 11.79 1.60 27.93
N LEU A 94 11.52 0.49 27.25
CA LEU A 94 12.53 -0.13 26.40
C LEU A 94 12.95 0.82 25.27
N ARG A 95 11.98 1.52 24.67
CA ARG A 95 12.35 2.46 23.63
C ARG A 95 13.23 3.59 24.18
N ALA A 96 12.90 4.11 25.36
CA ALA A 96 13.70 5.19 25.96
C ALA A 96 15.13 4.71 26.23
N ALA A 97 15.30 3.40 26.48
CA ALA A 97 16.63 2.82 26.75
C ALA A 97 17.51 2.81 25.49
N LEU A 98 16.87 2.85 24.30
CA LEU A 98 17.57 2.85 23.02
C LEU A 98 17.64 4.22 22.31
N VAL A 99 16.51 4.90 22.30
N VAL A 99 16.56 5.01 22.32
CA VAL A 99 16.35 6.17 21.58
CA VAL A 99 16.48 6.30 21.49
C VAL A 99 16.58 7.27 22.59
C VAL A 99 16.88 7.66 22.08
N ASN A 100 17.85 7.58 22.76
N ASN A 100 17.80 7.61 23.02
CA ASN A 100 18.29 8.62 23.70
CA ASN A 100 18.19 8.74 23.79
C ASN A 100 19.67 9.12 23.34
C ASN A 100 19.61 9.12 23.41
N GLU A 101 20.00 10.32 23.82
CA GLU A 101 21.25 10.94 23.45
C GLU A 101 22.47 10.10 23.81
N LYS A 102 22.50 9.57 25.02
CA LYS A 102 23.65 8.79 25.46
C LYS A 102 23.90 7.58 24.53
N SER A 103 22.83 6.85 24.23
N SER A 103 22.80 6.88 24.24
CA SER A 103 22.93 5.67 23.36
CA SER A 103 22.80 5.70 23.37
C SER A 103 23.33 6.03 21.92
C SER A 103 23.30 6.03 21.97
N PHE A 104 22.72 7.08 21.40
CA PHE A 104 23.07 7.52 20.05
C PHE A 104 24.49 8.07 19.94
N ALA A 105 24.96 8.73 21.01
CA ALA A 105 26.33 9.24 21.06
C ALA A 105 27.33 8.08 21.07
N LYS A 106 26.96 7.00 21.78
CA LYS A 106 27.79 5.80 21.81
C LYS A 106 27.89 5.18 20.41
N ILE A 107 26.74 5.07 19.77
CA ILE A 107 26.69 4.57 18.38
C ILE A 107 27.52 5.48 17.47
N ALA A 108 27.33 6.79 17.60
CA ALA A 108 28.09 7.75 16.81
C ALA A 108 29.60 7.57 17.01
N ASN A 109 30.02 7.42 18.25
CA ASN A 109 31.44 7.21 18.55
C ASN A 109 31.97 5.90 17.93
N SER A 110 31.12 4.89 17.85
CA SER A 110 31.48 3.58 17.22
C SER A 110 31.75 3.73 15.71
N LEU A 111 31.19 4.79 15.13
CA LEU A 111 31.36 5.17 13.70
C LEU A 111 32.45 6.24 13.53
N ASN A 112 33.10 6.61 14.61
CA ASN A 112 34.08 7.73 14.60
C ASN A 112 33.44 9.01 14.05
N LEU A 113 32.17 9.21 14.37
CA LEU A 113 31.40 10.26 13.72
C LEU A 113 31.94 11.67 13.94
N GLY A 114 32.52 11.89 15.11
CA GLY A 114 33.09 13.21 15.43
C GLY A 114 34.12 13.62 14.42
N ASP A 115 34.82 12.64 13.83
CA ASP A 115 35.85 12.93 12.83
C ASP A 115 35.29 13.58 11.57
N PHE A 116 34.01 13.38 11.31
CA PHE A 116 33.35 13.81 10.05
C PHE A 116 32.40 14.99 10.17
N ILE A 117 32.01 15.34 11.38
CA ILE A 117 31.04 16.43 11.57
C ILE A 117 31.67 17.78 11.29
N LEU A 118 30.99 18.59 10.49
CA LEU A 118 31.46 19.90 10.10
C LEU A 118 30.90 20.96 11.05
N MET A 119 31.79 21.77 11.61
CA MET A 119 31.39 22.82 12.53
C MET A 119 32.43 23.94 12.50
N SER A 120 32.06 25.08 13.04
CA SER A 120 32.97 26.24 13.09
C SER A 120 34.19 25.97 13.95
N VAL A 121 35.22 26.74 13.70
CA VAL A 121 36.41 26.70 14.53
C VAL A 121 36.06 26.90 16.01
N ALA A 122 35.22 27.88 16.29
CA ALA A 122 34.85 28.19 17.69
C ALA A 122 34.14 26.99 18.33
N GLU A 123 33.22 26.38 17.61
CA GLU A 123 32.47 25.23 18.14
C GLU A 123 33.42 24.05 18.38
N GLU A 124 34.32 23.82 17.44
CA GLU A 124 35.28 22.75 17.60
C GLU A 124 36.20 23.00 18.83
N ASN A 125 36.70 24.23 18.96
CA ASN A 125 37.54 24.59 20.12
C ASN A 125 36.83 24.43 21.45
N ASN A 126 35.51 24.60 21.43
CA ASN A 126 34.63 24.43 22.58
C ASN A 126 34.22 22.97 22.84
N GLY A 127 34.85 22.03 22.12
CA GLY A 127 34.61 20.61 22.32
C GLY A 127 33.43 20.04 21.55
N GLY A 128 33.00 20.72 20.50
CA GLY A 128 31.81 20.28 19.77
C GLY A 128 31.83 18.86 19.22
N LYS A 129 32.98 18.42 18.74
CA LYS A 129 33.05 17.06 18.17
C LYS A 129 32.88 15.98 19.22
N GLU A 130 32.98 16.36 20.48
CA GLU A 130 32.88 15.47 21.64
C GLU A 130 31.55 15.62 22.39
N LYS A 131 30.72 16.55 21.96
CA LYS A 131 29.44 16.77 22.64
C LYS A 131 28.47 15.65 22.26
N PRO A 132 27.87 14.96 23.25
CA PRO A 132 26.96 13.90 22.88
C PRO A 132 25.74 14.40 22.12
N SER A 133 25.29 15.62 22.36
CA SER A 133 24.14 16.14 21.61
C SER A 133 24.44 16.28 20.13
N ILE A 134 25.64 16.77 19.83
CA ILE A 134 26.06 16.98 18.43
C ILE A 134 26.24 15.62 17.72
N LEU A 135 26.87 14.68 18.39
CA LEU A 135 27.08 13.33 17.88
C LEU A 135 25.74 12.63 17.64
N SER A 136 24.87 12.68 18.64
CA SER A 136 23.53 12.09 18.50
C SER A 136 22.73 12.71 17.35
N ASP A 137 22.74 14.03 17.29
CA ASP A 137 22.00 14.72 16.22
C ASP A 137 22.48 14.31 14.84
N ALA A 138 23.79 14.22 14.68
CA ALA A 138 24.35 13.85 13.38
C ALA A 138 23.98 12.42 13.02
N LEU A 139 24.01 11.52 13.99
CA LEU A 139 23.60 10.14 13.73
C LEU A 139 22.15 10.11 13.27
N GLU A 140 21.29 10.81 14.00
N GLU A 140 21.29 10.81 14.01
CA GLU A 140 19.86 10.80 13.62
CA GLU A 140 19.88 10.87 13.64
C GLU A 140 19.67 11.43 12.24
C GLU A 140 19.69 11.42 12.25
N ALA A 141 20.41 12.49 11.95
CA ALA A 141 20.34 13.11 10.63
C ALA A 141 20.77 12.17 9.50
N ILE A 142 21.79 11.36 9.75
CA ILE A 142 22.25 10.36 8.78
C ILE A 142 21.14 9.36 8.49
N ILE A 143 20.49 8.86 9.53
CA ILE A 143 19.38 7.94 9.33
C ILE A 143 18.22 8.60 8.56
N GLY A 144 17.95 9.85 8.90
CA GLY A 144 16.96 10.63 8.13
C GLY A 144 17.30 10.70 6.66
N ALA A 145 18.58 10.96 6.38
CA ALA A 145 19.08 11.06 5.01
C ALA A 145 18.95 9.75 4.26
N ILE A 146 19.27 8.64 4.92
CA ILE A 146 19.11 7.33 4.30
C ILE A 146 17.64 7.08 3.98
N HIS A 147 16.76 7.40 4.91
CA HIS A 147 15.32 7.26 4.68
C HIS A 147 14.89 8.09 3.46
N LEU A 148 15.35 9.34 3.42
CA LEU A 148 15.00 10.24 2.32
C LEU A 148 15.41 9.67 0.98
N GLU A 149 16.62 9.14 0.85
N GLU A 149 16.63 9.15 0.91
CA GLU A 149 17.07 8.67 -0.46
CA GLU A 149 17.22 8.65 -0.34
C GLU A 149 16.67 7.23 -0.77
C GLU A 149 16.85 7.22 -0.75
N ALA A 150 16.59 6.38 0.24
CA ALA A 150 16.41 4.94 0.04
C ALA A 150 15.15 4.33 0.61
N GLY A 151 14.43 5.09 1.42
CA GLY A 151 13.19 4.63 2.01
C GLY A 151 13.30 3.99 3.38
N PHE A 152 12.15 3.82 3.98
CA PHE A 152 12.08 3.35 5.37
C PHE A 152 12.70 2.00 5.60
N GLU A 153 12.43 1.06 4.72
N GLU A 153 12.41 1.07 4.71
CA GLU A 153 12.94 -0.29 4.97
CA GLU A 153 12.91 -0.31 4.83
C GLU A 153 14.47 -0.33 4.92
C GLU A 153 14.44 -0.35 4.89
N PHE A 154 15.08 0.44 4.03
CA PHE A 154 16.56 0.50 3.98
C PHE A 154 17.10 1.22 5.23
N ALA A 155 16.47 2.33 5.58
CA ALA A 155 16.89 3.06 6.79
C ALA A 155 16.78 2.18 8.03
N LYS A 156 15.70 1.40 8.10
CA LYS A 156 15.46 0.44 9.18
C LYS A 156 16.57 -0.62 9.26
N THR A 157 16.95 -1.17 8.12
CA THR A 157 18.01 -2.18 8.08
C THR A 157 19.33 -1.61 8.65
N ILE A 158 19.71 -0.43 8.18
CA ILE A 158 20.91 0.22 8.65
C ILE A 158 20.82 0.54 10.13
N ALA A 159 19.73 1.18 10.54
CA ALA A 159 19.57 1.56 11.95
C ALA A 159 19.63 0.34 12.89
N LEU A 160 18.96 -0.74 12.53
CA LEU A 160 18.97 -1.94 13.38
C LEU A 160 20.34 -2.59 13.46
N ARG A 161 21.09 -2.58 12.37
CA ARG A 161 22.46 -3.07 12.44
C ARG A 161 23.28 -2.28 13.46
N LEU A 162 23.16 -0.95 13.40
CA LEU A 162 23.92 -0.10 14.31
C LEU A 162 23.47 -0.30 15.75
N ILE A 163 22.18 -0.42 15.94
CA ILE A 163 21.65 -0.62 17.27
C ILE A 163 22.07 -1.98 17.84
N GLU A 164 21.87 -3.05 17.07
N GLU A 164 21.87 -3.04 17.06
CA GLU A 164 22.21 -4.40 17.54
CA GLU A 164 22.19 -4.42 17.48
C GLU A 164 23.71 -4.62 17.73
C GLU A 164 23.69 -4.70 17.65
N LYS A 165 24.53 -3.97 16.93
CA LYS A 165 26.01 -4.07 17.09
C LYS A 165 26.49 -3.46 18.36
N ASN A 166 25.63 -2.61 18.95
N ASN A 166 25.72 -2.52 18.88
CA ASN A 166 25.90 -1.76 20.18
CA ASN A 166 26.10 -1.83 20.10
C ASN A 166 24.99 -1.92 21.47
C ASN A 166 25.38 -2.34 21.33
N PHE A 167 23.70 -2.30 21.30
N PHE A 167 24.11 -2.68 21.15
CA PHE A 167 22.82 -2.74 22.41
CA PHE A 167 23.19 -2.85 22.30
C PHE A 167 22.14 -4.13 22.20
C PHE A 167 22.31 -4.08 22.18
N PRO A 168 22.91 -5.24 22.01
CA PRO A 168 22.15 -6.49 21.84
C PRO A 168 21.32 -6.87 23.08
N GLN A 169 21.67 -6.31 24.24
CA GLN A 169 20.99 -6.63 25.50
C GLN A 169 19.57 -6.09 25.63
N ILE A 170 19.21 -5.10 24.82
CA ILE A 170 17.88 -4.49 24.92
CA ILE A 170 17.88 -4.48 24.91
C ILE A 170 16.93 -5.11 23.92
N ASN B 27 -19.80 -6.01 10.76
CA ASN B 27 -20.12 -4.70 10.11
C ASN B 27 -18.84 -3.91 9.74
N ILE B 28 -17.71 -4.36 10.29
CA ILE B 28 -16.38 -3.74 10.01
C ILE B 28 -16.10 -3.58 8.51
N GLU B 29 -16.85 -4.28 7.65
CA GLU B 29 -16.68 -4.13 6.21
C GLU B 29 -16.89 -2.69 5.75
N LYS B 30 -17.83 -2.00 6.39
CA LYS B 30 -18.09 -0.60 6.08
C LYS B 30 -16.87 0.28 6.37
N LEU B 31 -16.20 0.00 7.48
CA LEU B 31 -14.99 0.70 7.86
C LEU B 31 -13.86 0.45 6.86
N GLU B 32 -13.69 -0.81 6.46
CA GLU B 32 -12.66 -1.17 5.46
C GLU B 32 -12.90 -0.42 4.16
N GLN B 33 -14.16 -0.32 3.78
N GLN B 33 -14.15 -0.36 3.73
CA GLN B 33 -14.52 0.38 2.57
CA GLN B 33 -14.50 0.38 2.53
C GLN B 33 -14.15 1.85 2.69
C GLN B 33 -14.16 1.87 2.67
N SER B 34 -14.48 2.46 3.83
CA SER B 34 -14.14 3.87 4.11
C SER B 34 -12.61 4.13 4.07
N LEU B 35 -11.86 3.15 4.54
CA LEU B 35 -10.39 3.27 4.57
C LEU B 35 -9.70 3.04 3.21
N THR B 36 -10.41 2.34 2.32
N THR B 36 -10.39 2.32 2.34
CA THR B 36 -9.85 1.79 1.05
CA THR B 36 -9.87 1.78 1.05
C THR B 36 -8.81 0.70 1.34
C THR B 36 -8.84 0.66 1.28
N TYR B 37 -8.95 0.08 2.51
N TYR B 37 -9.06 -0.11 2.34
CA TYR B 37 -8.05 -0.98 2.98
CA TYR B 37 -8.20 -1.26 2.61
C TYR B 37 -8.89 -2.12 3.54
C TYR B 37 -8.92 -2.37 3.34
N GLU B 38 -8.73 -3.29 2.93
N GLU B 38 -8.83 -3.55 2.75
CA GLU B 38 -9.37 -4.54 3.37
CA GLU B 38 -9.42 -4.73 3.31
C GLU B 38 -8.32 -5.41 4.07
C GLU B 38 -8.35 -5.48 4.06
N PHE B 39 -8.54 -5.68 5.35
CA PHE B 39 -7.60 -6.47 6.13
C PHE B 39 -7.54 -7.92 5.69
N LYS B 40 -6.33 -8.45 5.65
CA LYS B 40 -6.12 -9.88 5.42
C LYS B 40 -6.49 -10.65 6.70
N ASP B 41 -5.98 -10.15 7.83
CA ASP B 41 -6.31 -10.70 9.16
C ASP B 41 -7.36 -9.78 9.80
N LYS B 42 -8.62 -10.18 9.76
CA LYS B 42 -9.72 -9.35 10.26
C LYS B 42 -9.58 -9.10 11.76
N ASN B 43 -9.01 -10.07 12.46
CA ASN B 43 -8.82 -9.96 13.91
C ASN B 43 -7.89 -8.81 14.28
N LEU B 44 -7.04 -8.45 13.36
N LEU B 44 -6.96 -8.44 13.39
CA LEU B 44 -6.11 -7.38 13.60
CA LEU B 44 -6.06 -7.28 13.63
C LEU B 44 -6.84 -6.01 13.66
C LEU B 44 -6.87 -5.99 13.70
N LEU B 45 -7.81 -5.83 12.77
CA LEU B 45 -8.68 -4.63 12.80
C LEU B 45 -9.54 -4.64 14.08
N ILE B 46 -10.11 -5.78 14.41
CA ILE B 46 -10.89 -5.87 15.62
CA ILE B 46 -10.86 -5.94 15.65
C ILE B 46 -10.01 -5.51 16.84
N HIS B 47 -8.78 -5.99 16.85
CA HIS B 47 -7.86 -5.69 17.93
C HIS B 47 -7.67 -4.16 18.06
N ALA B 48 -7.45 -3.49 16.92
CA ALA B 48 -7.28 -2.04 16.90
C ALA B 48 -8.53 -1.28 17.42
N LEU B 49 -9.69 -1.89 17.25
CA LEU B 49 -10.97 -1.31 17.68
C LEU B 49 -11.35 -1.65 19.12
N THR B 50 -10.52 -2.43 19.82
CA THR B 50 -10.87 -2.92 21.15
C THR B 50 -10.35 -1.98 22.26
N HIS B 51 -11.27 -1.21 22.82
CA HIS B 51 -10.96 -0.34 23.95
C HIS B 51 -10.55 -1.19 25.16
N LYS B 52 -9.69 -0.62 26.01
CA LYS B 52 -9.15 -1.30 27.21
CA LYS B 52 -9.14 -1.36 27.16
C LYS B 52 -10.18 -1.81 28.21
N SER B 53 -11.41 -1.30 28.16
CA SER B 53 -12.47 -1.75 29.09
C SER B 53 -13.05 -3.11 28.74
N PHE B 54 -12.85 -3.53 27.49
CA PHE B 54 -13.67 -4.60 26.90
C PHE B 54 -13.36 -6.03 27.32
N MLZ B 55 -12.08 -6.37 27.30
CA MLZ B 55 -11.64 -7.76 27.45
CB MLZ B 55 -11.62 -8.42 26.06
CG MLZ B 55 -11.45 -9.94 26.08
CD MLZ B 55 -11.65 -10.51 24.68
CE MLZ B 55 -13.12 -10.76 24.37
NZ MLZ B 55 -13.34 -11.70 23.28
CM MLZ B 55 -14.51 -11.60 22.42
C MLZ B 55 -10.28 -7.85 28.07
O MLZ B 55 -9.34 -7.19 27.63
N LYS B 55 -12.09 -6.37 27.32
CA LYS B 55 -11.66 -7.75 27.48
C LYS B 55 -10.28 -7.85 28.07
N LYS B 56 -10.16 -8.69 29.09
CA LYS B 56 -8.91 -8.88 29.78
C LYS B 56 -7.80 -9.29 28.82
N SER B 57 -6.69 -8.57 28.92
CA SER B 57 -5.45 -8.85 28.19
C SER B 57 -5.55 -8.75 26.67
N TYR B 58 -6.55 -8.06 26.17
CA TYR B 58 -6.68 -7.88 24.73
C TYR B 58 -7.26 -6.50 24.49
N ASN B 59 -6.41 -5.57 24.04
CA ASN B 59 -6.86 -4.20 23.76
C ASN B 59 -5.95 -3.54 22.76
N ASN B 60 -6.31 -2.33 22.36
CA ASN B 60 -5.62 -1.62 21.29
C ASN B 60 -4.43 -0.77 21.72
N GLU B 61 -3.98 -0.90 22.98
CA GLU B 61 -2.91 -0.01 23.47
C GLU B 61 -1.57 -0.20 22.78
N ARG B 62 -1.17 -1.45 22.53
CA ARG B 62 0.10 -1.69 21.83
C ARG B 62 0.05 -1.19 20.39
N LEU B 63 -1.06 -1.46 19.72
CA LEU B 63 -1.23 -0.98 18.34
C LEU B 63 -1.25 0.54 18.28
N GLU B 64 -1.85 1.18 19.29
N GLU B 64 -1.85 1.16 19.29
CA GLU B 64 -1.88 2.64 19.37
CA GLU B 64 -1.86 2.62 19.37
C GLU B 64 -0.44 3.19 19.49
C GLU B 64 -0.42 3.15 19.44
N PHE B 65 0.39 2.54 20.32
CA PHE B 65 1.80 2.90 20.46
C PHE B 65 2.51 2.83 19.10
N LEU B 66 2.30 1.74 18.40
CA LEU B 66 2.92 1.53 17.09
C LEU B 66 2.42 2.57 16.09
N GLY B 67 1.11 2.77 16.06
CA GLY B 67 0.47 3.74 15.15
C GLY B 67 0.90 5.16 15.38
N ASP B 68 1.12 5.52 16.63
CA ASP B 68 1.57 6.87 16.95
C ASP B 68 2.96 7.12 16.35
N ALA B 69 3.85 6.12 16.43
CA ALA B 69 5.18 6.23 15.83
C ALA B 69 5.06 6.32 14.31
N VAL B 70 4.16 5.53 13.72
CA VAL B 70 3.93 5.60 12.28
C VAL B 70 3.52 7.03 11.90
N LEU B 71 2.54 7.56 12.63
CA LEU B 71 1.96 8.87 12.29
C LEU B 71 2.95 10.01 12.49
N ASP B 72 3.80 9.90 13.50
CA ASP B 72 4.81 10.95 13.71
C ASP B 72 5.75 11.00 12.49
N LEU B 73 6.07 9.84 11.91
CA LEU B 73 6.90 9.80 10.69
C LEU B 73 6.12 10.26 9.46
N VAL B 74 4.88 9.78 9.31
CA VAL B 74 4.06 10.22 8.18
C VAL B 74 3.98 11.73 8.13
N VAL B 75 3.62 12.31 9.25
CA VAL B 75 3.40 13.75 9.27
C VAL B 75 4.72 14.52 9.26
N GLY B 76 5.72 14.06 10.01
CA GLY B 76 7.02 14.71 9.97
C GLY B 76 7.59 14.76 8.56
N GLU B 77 7.54 13.62 7.86
CA GLU B 77 8.02 13.54 6.46
C GLU B 77 7.22 14.45 5.54
N TYR B 78 5.90 14.43 5.67
CA TYR B 78 5.03 15.29 4.88
C TYR B 78 5.43 16.75 5.03
N LEU B 79 5.61 17.19 6.27
CA LEU B 79 5.96 18.59 6.54
C LEU B 79 7.36 18.93 6.05
N PHE B 80 8.30 18.00 6.24
CA PHE B 80 9.69 18.17 5.74
C PHE B 80 9.69 18.50 4.23
N HIS B 81 8.91 17.74 3.48
N HIS B 81 8.87 17.76 3.48
CA HIS B 81 8.85 17.95 2.02
CA HIS B 81 8.80 17.93 2.01
C HIS B 81 8.05 19.20 1.66
C HIS B 81 7.93 19.09 1.55
N LYS B 82 6.89 19.38 2.30
CA LYS B 82 5.94 20.45 1.94
C LYS B 82 6.51 21.82 2.20
N PHE B 83 7.25 21.94 3.30
CA PHE B 83 7.80 23.20 3.77
C PHE B 83 9.31 23.06 3.81
N ALA B 84 9.90 23.12 2.62
CA ALA B 84 11.33 22.86 2.42
C ALA B 84 12.22 23.88 3.13
N LYS B 85 11.66 25.04 3.44
CA LYS B 85 12.43 26.12 4.11
C LYS B 85 12.11 26.25 5.60
N ASP B 86 11.15 25.48 6.09
CA ASP B 86 10.81 25.51 7.53
C ASP B 86 11.90 24.90 8.40
N ALA B 87 12.23 25.63 9.47
CA ALA B 87 13.18 25.14 10.47
C ALA B 87 12.58 23.98 11.26
N GLU B 88 13.43 23.24 11.94
CA GLU B 88 12.99 22.11 12.75
C GLU B 88 11.90 22.49 13.74
N GLY B 89 12.04 23.66 14.39
CA GLY B 89 11.05 24.11 15.39
C GLY B 89 9.68 24.29 14.78
N ASP B 90 9.65 24.80 13.56
CA ASP B 90 8.43 24.97 12.78
C ASP B 90 7.81 23.63 12.42
N LEU B 91 8.66 22.73 11.94
CA LEU B 91 8.19 21.39 11.61
C LEU B 91 7.60 20.71 12.86
N SER B 92 8.28 20.86 14.00
N SER B 92 8.27 20.85 14.00
CA SER B 92 7.84 20.26 15.27
CA SER B 92 7.84 20.23 15.27
C SER B 92 6.48 20.77 15.70
C SER B 92 6.53 20.78 15.83
N LYS B 93 6.32 22.09 15.73
CA LYS B 93 5.06 22.71 16.19
C LYS B 93 3.94 22.41 15.21
N LEU B 94 4.22 22.47 13.91
CA LEU B 94 3.18 22.12 12.93
C LEU B 94 2.78 20.66 13.11
N ARG B 95 3.77 19.79 13.35
CA ARG B 95 3.45 18.39 13.58
C ARG B 95 2.54 18.26 14.81
N ALA B 96 2.84 18.97 15.91
CA ALA B 96 1.98 18.94 17.11
C ALA B 96 0.57 19.42 16.80
N ALA B 97 0.44 20.35 15.85
CA ALA B 97 -0.89 20.87 15.47
C ALA B 97 -1.73 19.87 14.67
N LEU B 98 -1.06 18.82 14.14
CA LEU B 98 -1.71 17.76 13.35
C LEU B 98 -1.80 16.40 14.08
N VAL B 99 -0.73 16.03 14.76
CA VAL B 99 -0.65 14.74 15.46
C VAL B 99 -1.07 14.98 16.90
N ASN B 100 -2.36 14.87 17.14
CA ASN B 100 -2.91 15.13 18.47
C ASN B 100 -4.32 14.56 18.57
N GLU B 101 -4.79 14.48 19.80
CA GLU B 101 -6.06 13.89 20.09
C GLU B 101 -7.21 14.54 19.35
N LYS B 102 -7.28 15.86 19.35
CA LYS B 102 -8.38 16.53 18.64
C LYS B 102 -8.42 16.21 17.15
N SER B 103 -7.28 16.27 16.50
N SER B 103 -7.25 16.27 16.54
CA SER B 103 -7.24 16.00 15.07
CA SER B 103 -7.10 16.01 15.12
C SER B 103 -7.63 14.56 14.79
C SER B 103 -7.52 14.59 14.76
N PHE B 104 -7.06 13.64 15.56
CA PHE B 104 -7.37 12.23 15.34
C PHE B 104 -8.80 11.86 15.70
N ALA B 105 -9.37 12.49 16.71
CA ALA B 105 -10.80 12.29 17.03
C ALA B 105 -11.70 12.78 15.87
N LYS B 106 -11.30 13.90 15.25
N LYS B 106 -11.28 13.89 15.25
CA LYS B 106 -12.02 14.41 14.09
CA LYS B 106 -11.99 14.43 14.10
C LYS B 106 -11.99 13.41 12.93
C LYS B 106 -11.98 13.43 12.94
N ILE B 107 -10.80 12.91 12.64
CA ILE B 107 -10.64 11.91 11.57
C ILE B 107 -11.46 10.65 11.95
N ALA B 108 -11.36 10.21 13.19
CA ALA B 108 -12.15 9.06 13.68
C ALA B 108 -13.65 9.25 13.42
N ASN B 109 -14.16 10.42 13.78
CA ASN B 109 -15.58 10.70 13.58
C ASN B 109 -15.96 10.70 12.07
N SER B 110 -15.04 11.13 11.20
CA SER B 110 -15.27 11.10 9.74
C SER B 110 -15.43 9.66 9.23
N LEU B 111 -14.87 8.71 9.96
CA LEU B 111 -14.98 7.28 9.67
C LEU B 111 -16.08 6.57 10.48
N ASN B 112 -16.84 7.36 11.26
CA ASN B 112 -17.87 6.82 12.16
C ASN B 112 -17.27 5.78 13.13
N LEU B 113 -16.03 6.01 13.62
N LEU B 113 -16.07 6.07 13.59
CA LEU B 113 -15.38 4.96 14.43
CA LEU B 113 -15.33 5.11 14.34
C LEU B 113 -16.14 4.62 15.67
C LEU B 113 -16.05 4.68 15.64
N GLY B 114 -16.84 5.58 16.23
CA GLY B 114 -17.64 5.27 17.42
C GLY B 114 -18.59 4.09 17.19
N ASP B 115 -18.99 3.87 15.94
CA ASP B 115 -19.88 2.74 15.58
C ASP B 115 -19.20 1.38 15.61
N PHE B 116 -17.87 1.38 15.60
CA PHE B 116 -17.09 0.14 15.45
C PHE B 116 -16.25 -0.23 16.66
N ILE B 117 -15.99 0.75 17.53
CA ILE B 117 -15.13 0.52 18.70
C ILE B 117 -15.88 -0.39 19.68
N LEU B 118 -15.12 -1.33 20.25
N LEU B 118 -15.13 -1.36 20.22
CA LEU B 118 -15.62 -2.29 21.22
CA LEU B 118 -15.63 -2.32 21.20
C LEU B 118 -15.27 -1.84 22.63
C LEU B 118 -15.27 -1.84 22.62
N MET B 119 -16.29 -1.66 23.46
CA MET B 119 -16.09 -1.21 24.84
C MET B 119 -17.17 -1.81 25.71
N SER B 120 -16.92 -1.83 27.01
CA SER B 120 -17.89 -2.41 27.95
C SER B 120 -19.18 -1.60 28.01
N VAL B 121 -20.22 -2.23 28.53
CA VAL B 121 -21.50 -1.55 28.74
C VAL B 121 -21.29 -0.29 29.60
N ALA B 122 -20.56 -0.43 30.71
CA ALA B 122 -20.33 0.70 31.61
C ALA B 122 -19.60 1.83 30.90
N GLU B 123 -18.60 1.49 30.11
CA GLU B 123 -17.83 2.49 29.37
C GLU B 123 -18.74 3.24 28.37
N GLU B 124 -19.56 2.50 27.64
CA GLU B 124 -20.52 3.12 26.75
C GLU B 124 -21.51 4.02 27.51
N ASN B 125 -22.03 3.53 28.64
CA ASN B 125 -22.95 4.34 29.45
C ASN B 125 -22.31 5.59 30.00
N ASN B 126 -20.99 5.56 30.14
CA ASN B 126 -20.21 6.71 30.61
C ASN B 126 -19.74 7.63 29.49
N GLY B 127 -20.31 7.42 28.30
CA GLY B 127 -20.05 8.27 27.11
C GLY B 127 -18.81 7.93 26.31
N GLY B 128 -18.33 6.70 26.45
CA GLY B 128 -17.09 6.29 25.78
C GLY B 128 -17.05 6.46 24.27
N LYS B 129 -18.18 6.26 23.60
CA LYS B 129 -18.22 6.39 22.15
C LYS B 129 -17.89 7.77 21.64
N GLU B 130 -18.07 8.78 22.48
CA GLU B 130 -17.80 10.17 22.14
C GLU B 130 -16.54 10.72 22.81
N LYS B 131 -15.81 9.90 23.56
CA LYS B 131 -14.59 10.40 24.21
C LYS B 131 -13.48 10.61 23.18
N PRO B 132 -12.92 11.81 23.11
CA PRO B 132 -11.89 12.03 22.10
C PRO B 132 -10.69 11.11 22.23
N SER B 133 -10.30 10.81 23.47
CA SER B 133 -9.18 9.90 23.68
C SER B 133 -9.42 8.50 23.09
N ILE B 134 -10.63 7.98 23.27
CA ILE B 134 -10.97 6.65 22.80
C ILE B 134 -11.00 6.63 21.26
N LEU B 135 -11.59 7.67 20.68
CA LEU B 135 -11.66 7.81 19.22
C LEU B 135 -10.26 7.94 18.59
N SER B 136 -9.47 8.83 19.16
CA SER B 136 -8.11 9.07 18.72
C SER B 136 -7.25 7.81 18.83
N ASP B 137 -7.30 7.17 20.00
CA ASP B 137 -6.52 5.96 20.20
C ASP B 137 -6.87 4.88 19.17
N ALA B 138 -8.16 4.71 18.91
CA ALA B 138 -8.60 3.69 17.94
C ALA B 138 -8.08 4.01 16.54
N LEU B 139 -8.13 5.27 16.15
N LEU B 139 -8.11 5.28 16.17
CA LEU B 139 -7.64 5.66 14.83
CA LEU B 139 -7.64 5.70 14.86
C LEU B 139 -6.15 5.36 14.74
C LEU B 139 -6.14 5.42 14.73
N GLU B 140 -5.39 5.79 15.75
N GLU B 140 -5.39 5.76 15.76
CA GLU B 140 -3.96 5.55 15.73
CA GLU B 140 -3.95 5.50 15.74
C GLU B 140 -3.66 4.04 15.70
C GLU B 140 -3.66 4.01 15.68
N ALA B 141 -4.43 3.26 16.46
CA ALA B 141 -4.26 1.77 16.47
C ALA B 141 -4.55 1.19 15.09
N ILE B 142 -5.55 1.71 14.40
CA ILE B 142 -5.85 1.23 13.03
C ILE B 142 -4.66 1.48 12.10
N ILE B 143 -4.08 2.65 12.18
CA ILE B 143 -2.89 2.96 11.37
C ILE B 143 -1.73 2.02 11.74
N GLY B 144 -1.58 1.76 13.03
CA GLY B 144 -0.58 0.82 13.48
C GLY B 144 -0.80 -0.57 12.92
N ALA B 145 -2.06 -1.00 12.89
CA ALA B 145 -2.43 -2.31 12.38
C ALA B 145 -2.17 -2.42 10.87
N ILE B 146 -2.44 -1.35 10.12
CA ILE B 146 -2.18 -1.33 8.67
C ILE B 146 -0.67 -1.40 8.45
N HIS B 147 0.10 -0.65 9.22
CA HIS B 147 1.54 -0.75 9.16
C HIS B 147 2.02 -2.18 9.43
N LEU B 148 1.48 -2.79 10.48
CA LEU B 148 1.87 -4.16 10.86
C LEU B 148 1.63 -5.14 9.71
N GLU B 149 0.47 -5.02 9.09
CA GLU B 149 0.10 -5.99 8.04
C GLU B 149 0.70 -5.68 6.69
N ALA B 150 0.83 -4.40 6.38
CA ALA B 150 1.10 -3.96 5.01
C ALA B 150 2.33 -3.07 4.83
N GLY B 151 2.96 -2.65 5.91
CA GLY B 151 4.16 -1.85 5.83
C GLY B 151 3.95 -0.34 5.90
N PHE B 152 5.05 0.38 6.13
CA PHE B 152 5.01 1.81 6.35
C PHE B 152 4.43 2.58 5.20
N GLU B 153 4.90 2.30 4.00
CA GLU B 153 4.48 3.10 2.85
C GLU B 153 2.97 3.03 2.62
N PHE B 154 2.40 1.85 2.82
N PHE B 154 2.41 1.86 2.84
CA PHE B 154 0.95 1.64 2.68
CA PHE B 154 0.99 1.71 2.67
C PHE B 154 0.23 2.45 3.79
C PHE B 154 0.20 2.40 3.80
N ALA B 155 0.67 2.27 5.03
CA ALA B 155 0.06 3.01 6.15
C ALA B 155 0.14 4.54 5.91
N LYS B 156 1.26 4.98 5.33
CA LYS B 156 1.45 6.37 4.98
C LYS B 156 0.40 6.86 3.98
N THR B 157 0.20 6.11 2.90
CA THR B 157 -0.74 6.53 1.86
C THR B 157 -2.17 6.59 2.46
N ILE B 158 -2.53 5.62 3.28
CA ILE B 158 -3.84 5.60 3.95
C ILE B 158 -4.00 6.80 4.87
N ALA B 159 -3.00 7.06 5.70
CA ALA B 159 -3.04 8.15 6.66
C ALA B 159 -3.07 9.50 5.98
N LEU B 160 -2.26 9.68 4.93
CA LEU B 160 -2.26 10.95 4.20
C LEU B 160 -3.61 11.25 3.56
N ARG B 161 -4.26 10.21 3.02
N ARG B 161 -4.26 10.20 3.04
CA ARG B 161 -5.60 10.40 2.45
CA ARG B 161 -5.57 10.36 2.43
C ARG B 161 -6.57 10.90 3.53
C ARG B 161 -6.61 10.81 3.49
N LEU B 162 -6.55 10.25 4.70
CA LEU B 162 -7.45 10.65 5.79
C LEU B 162 -7.17 12.08 6.23
N ILE B 163 -5.90 12.42 6.35
CA ILE B 163 -5.52 13.77 6.77
C ILE B 163 -5.97 14.81 5.70
N GLU B 164 -5.69 14.53 4.44
N GLU B 164 -5.67 14.48 4.43
CA GLU B 164 -6.00 15.46 3.36
CA GLU B 164 -6.04 15.28 3.23
C GLU B 164 -7.54 15.62 3.13
C GLU B 164 -7.52 15.62 3.27
N LYS B 165 -8.32 14.58 3.45
CA LYS B 165 -9.79 14.69 3.43
C LYS B 165 -10.34 15.54 4.60
N ASN B 166 -9.67 15.47 5.75
CA ASN B 166 -10.15 16.15 6.96
C ASN B 166 -9.55 17.55 7.17
N PHE B 167 -8.40 17.77 6.55
CA PHE B 167 -7.69 19.05 6.66
C PHE B 167 -7.21 19.45 5.26
N PRO B 168 -8.16 19.86 4.39
CA PRO B 168 -7.83 20.20 3.00
C PRO B 168 -6.98 21.45 2.86
N ILE B 170 -4.15 23.16 5.26
CA ILE B 170 -2.77 22.92 5.67
C ILE B 170 -1.80 23.86 4.94
N ASN C 27 -21.81 -32.82 -0.48
CA ASN C 27 -21.19 -32.85 -1.83
C ASN C 27 -20.28 -31.64 -2.09
N ILE C 28 -20.70 -30.49 -1.56
N ILE C 28 -20.69 -30.48 -1.54
CA ILE C 28 -19.94 -29.23 -1.74
CA ILE C 28 -19.95 -29.21 -1.69
C ILE C 28 -18.47 -29.32 -1.31
C ILE C 28 -18.47 -29.32 -1.31
N GLU C 29 -18.19 -30.13 -0.28
CA GLU C 29 -16.81 -30.35 0.18
C GLU C 29 -15.92 -30.96 -0.90
N LYS C 30 -16.53 -31.75 -1.78
CA LYS C 30 -15.82 -32.32 -2.93
C LYS C 30 -15.29 -31.19 -3.82
N LEU C 31 -16.15 -30.22 -4.11
CA LEU C 31 -15.75 -29.07 -4.94
C LEU C 31 -14.64 -28.25 -4.28
N GLU C 32 -14.79 -28.01 -2.99
CA GLU C 32 -13.74 -27.33 -2.23
C GLU C 32 -12.39 -28.08 -2.26
N GLN C 33 -12.46 -29.40 -2.18
N GLN C 33 -12.43 -29.40 -2.19
CA GLN C 33 -11.28 -30.24 -2.28
CA GLN C 33 -11.18 -30.16 -2.27
C GLN C 33 -10.61 -30.06 -3.65
C GLN C 33 -10.58 -30.03 -3.67
N SER C 34 -11.44 -30.06 -4.69
CA SER C 34 -10.98 -29.90 -6.08
C SER C 34 -10.34 -28.50 -6.30
N LEU C 35 -10.95 -27.49 -5.69
CA LEU C 35 -10.44 -26.10 -5.71
C LEU C 35 -9.20 -25.88 -4.88
N THR C 36 -8.92 -26.82 -3.96
CA THR C 36 -7.90 -26.63 -2.91
C THR C 36 -8.15 -25.32 -2.12
N TYR C 37 -9.42 -25.00 -1.95
N TYR C 37 -9.43 -24.97 -1.96
CA TYR C 37 -9.84 -23.82 -1.22
CA TYR C 37 -9.83 -23.82 -1.12
C TYR C 37 -11.12 -24.10 -0.43
C TYR C 37 -11.10 -24.14 -0.34
N GLU C 38 -11.05 -23.84 0.86
N GLU C 38 -11.06 -23.83 0.96
CA GLU C 38 -12.21 -24.02 1.78
CA GLU C 38 -12.23 -24.04 1.84
C GLU C 38 -12.86 -22.67 2.08
C GLU C 38 -12.89 -22.71 2.17
N PHE C 39 -14.11 -22.52 1.66
CA PHE C 39 -14.85 -21.28 1.94
C PHE C 39 -15.16 -21.01 3.42
N LYS C 40 -15.00 -19.76 3.85
N LYS C 40 -14.99 -19.76 3.84
CA LYS C 40 -15.42 -19.35 5.20
CA LYS C 40 -15.40 -19.32 5.19
C LYS C 40 -16.92 -19.22 5.22
C LYS C 40 -16.90 -19.19 5.23
N ASP C 41 -17.43 -18.50 4.22
CA ASP C 41 -18.86 -18.30 4.06
C ASP C 41 -19.31 -19.25 2.95
N LYS C 42 -19.91 -20.37 3.33
CA LYS C 42 -20.38 -21.37 2.35
C LYS C 42 -21.45 -20.83 1.40
N ASN C 43 -22.27 -19.91 1.88
CA ASN C 43 -23.34 -19.30 1.04
C ASN C 43 -22.81 -18.47 -0.13
N LEU C 44 -21.60 -17.97 0.03
CA LEU C 44 -20.95 -17.19 -1.01
C LEU C 44 -20.61 -18.13 -2.19
N LEU C 45 -20.17 -19.33 -1.86
CA LEU C 45 -19.88 -20.36 -2.86
C LEU C 45 -21.20 -20.76 -3.55
N ILE C 46 -22.27 -20.95 -2.79
CA ILE C 46 -23.54 -21.30 -3.40
CA ILE C 46 -23.62 -21.23 -3.34
C ILE C 46 -24.01 -20.15 -4.32
N HIS C 47 -23.81 -18.91 -3.93
CA HIS C 47 -24.11 -17.77 -4.77
C HIS C 47 -23.39 -17.84 -6.14
N ALA C 48 -22.10 -18.15 -6.09
CA ALA C 48 -21.28 -18.27 -7.28
C ALA C 48 -21.77 -19.40 -8.18
N LEU C 49 -22.38 -20.40 -7.58
CA LEU C 49 -22.91 -21.56 -8.31
C LEU C 49 -24.35 -21.38 -8.82
N THR C 50 -24.96 -20.22 -8.56
CA THR C 50 -26.38 -20.01 -8.88
C THR C 50 -26.56 -19.37 -10.25
N HIS C 51 -26.96 -20.18 -11.22
CA HIS C 51 -27.26 -19.71 -12.56
C HIS C 51 -28.46 -18.77 -12.53
N LYS C 52 -28.49 -17.83 -13.47
CA LYS C 52 -29.55 -16.82 -13.53
C LYS C 52 -30.98 -17.34 -13.69
N SER C 53 -31.15 -18.59 -14.13
CA SER C 53 -32.48 -19.18 -14.28
C SER C 53 -33.13 -19.58 -12.95
N PHE C 54 -32.32 -19.69 -11.90
CA PHE C 54 -32.74 -20.42 -10.67
C PHE C 54 -33.71 -19.72 -9.74
N LYS C 55 -33.39 -18.47 -9.40
CA LYS C 55 -34.16 -17.74 -8.39
CA LYS C 55 -34.09 -17.74 -8.37
C LYS C 55 -34.10 -16.25 -8.69
N LYS C 56 -35.27 -15.62 -8.59
CA LYS C 56 -35.40 -14.21 -8.89
CA LYS C 56 -35.40 -14.22 -8.90
C LYS C 56 -34.48 -13.39 -7.99
N SER C 57 -33.82 -12.42 -8.62
CA SER C 57 -32.91 -11.46 -7.96
C SER C 57 -31.75 -12.04 -7.14
N TYR C 58 -31.34 -13.25 -7.45
CA TYR C 58 -30.17 -13.81 -6.79
C TYR C 58 -29.50 -14.75 -7.76
N ASN C 59 -28.33 -14.36 -8.27
CA ASN C 59 -27.59 -15.20 -9.22
C ASN C 59 -26.10 -14.81 -9.19
N ASN C 60 -25.31 -15.54 -9.97
CA ASN C 60 -23.85 -15.40 -9.99
C ASN C 60 -23.29 -14.35 -10.96
N GLU C 61 -24.15 -13.53 -11.57
CA GLU C 61 -23.67 -12.60 -12.63
CA GLU C 61 -23.70 -12.58 -12.62
C GLU C 61 -22.74 -11.50 -12.09
N ARG C 62 -23.05 -10.93 -10.93
CA ARG C 62 -22.17 -9.90 -10.36
C ARG C 62 -20.82 -10.49 -9.96
N LEU C 63 -20.85 -11.66 -9.33
CA LEU C 63 -19.60 -12.36 -8.96
C LEU C 63 -18.79 -12.76 -10.19
N GLU C 64 -19.47 -13.14 -11.27
N GLU C 64 -19.47 -13.15 -11.26
CA GLU C 64 -18.79 -13.45 -12.54
CA GLU C 64 -18.80 -13.46 -12.52
C GLU C 64 -18.06 -12.22 -13.08
C GLU C 64 -18.07 -12.23 -13.07
N PHE C 65 -18.74 -11.08 -13.01
CA PHE C 65 -18.13 -9.80 -13.42
C PHE C 65 -16.84 -9.51 -12.63
N LEU C 66 -16.95 -9.64 -11.32
CA LEU C 66 -15.81 -9.42 -10.43
C LEU C 66 -14.68 -10.43 -10.72
N GLY C 67 -15.05 -11.70 -10.83
CA GLY C 67 -14.08 -12.75 -11.09
C GLY C 67 -13.38 -12.62 -12.41
N ASP C 68 -14.09 -12.17 -13.44
CA ASP C 68 -13.46 -11.97 -14.75
C ASP C 68 -12.35 -10.89 -14.63
N ALA C 69 -12.61 -9.84 -13.88
CA ALA C 69 -11.62 -8.80 -13.65
C ALA C 69 -10.44 -9.36 -12.86
N VAL C 70 -10.72 -10.15 -11.83
CA VAL C 70 -9.67 -10.78 -11.09
C VAL C 70 -8.79 -11.65 -12.01
N LEU C 71 -9.44 -12.48 -12.83
CA LEU C 71 -8.70 -13.38 -13.70
C LEU C 71 -7.89 -12.66 -14.79
N ASP C 72 -8.42 -11.57 -15.31
CA ASP C 72 -7.67 -10.79 -16.30
C ASP C 72 -6.38 -10.24 -15.67
N LEU C 73 -6.42 -9.86 -14.38
CA LEU C 73 -5.21 -9.39 -13.71
C LEU C 73 -4.29 -10.56 -13.36
N VAL C 74 -4.86 -11.64 -12.82
CA VAL C 74 -4.04 -12.82 -12.51
C VAL C 74 -3.24 -13.25 -13.73
N VAL C 75 -3.95 -13.41 -14.85
CA VAL C 75 -3.31 -13.90 -16.08
C VAL C 75 -2.41 -12.84 -16.71
N GLY C 76 -2.87 -11.60 -16.72
CA GLY C 76 -2.03 -10.53 -17.26
C GLY C 76 -0.70 -10.41 -16.52
N GLU C 77 -0.73 -10.45 -15.20
CA GLU C 77 0.48 -10.39 -14.38
C GLU C 77 1.37 -11.61 -14.59
N TYR C 78 0.75 -12.79 -14.58
CA TYR C 78 1.48 -14.04 -14.79
C TYR C 78 2.29 -13.96 -16.09
N LEU C 79 1.63 -13.52 -17.16
CA LEU C 79 2.26 -13.41 -18.47
C LEU C 79 3.30 -12.32 -18.53
N PHE C 80 3.00 -11.18 -17.90
CA PHE C 80 3.94 -10.05 -17.84
C PHE C 80 5.30 -10.55 -17.32
N HIS C 81 5.27 -11.32 -16.24
CA HIS C 81 6.50 -11.87 -15.66
C HIS C 81 7.11 -13.01 -16.46
N LYS C 82 6.27 -13.90 -16.96
CA LYS C 82 6.74 -15.11 -17.64
C LYS C 82 7.33 -14.82 -19.02
N PHE C 83 6.89 -13.73 -19.63
CA PHE C 83 7.33 -13.30 -20.95
C PHE C 83 7.81 -11.88 -20.84
N ALA C 84 8.94 -11.72 -20.16
CA ALA C 84 9.45 -10.38 -19.78
C ALA C 84 9.82 -9.47 -20.95
N LYS C 85 9.99 -10.08 -22.11
N LYS C 85 10.07 -10.04 -22.13
CA LYS C 85 10.40 -9.46 -23.39
CA LYS C 85 10.40 -9.25 -23.34
C LYS C 85 9.25 -9.17 -24.34
C LYS C 85 9.29 -9.23 -24.40
N ASP C 86 8.14 -9.85 -24.12
CA ASP C 86 7.01 -9.80 -25.06
C ASP C 86 6.34 -8.43 -25.08
N ALA C 87 6.02 -8.00 -26.29
CA ALA C 87 5.25 -6.79 -26.49
C ALA C 87 3.79 -7.04 -26.09
N GLU C 88 3.06 -5.94 -25.91
CA GLU C 88 1.65 -6.03 -25.48
C GLU C 88 0.80 -6.92 -26.38
N GLY C 89 1.01 -6.83 -27.69
CA GLY C 89 0.23 -7.64 -28.64
C GLY C 89 0.40 -9.13 -28.35
N ASP C 90 1.63 -9.52 -28.05
CA ASP C 90 1.95 -10.92 -27.76
C ASP C 90 1.40 -11.35 -26.38
N LEU C 91 1.50 -10.47 -25.39
CA LEU C 91 0.90 -10.73 -24.08
C LEU C 91 -0.62 -10.88 -24.22
N SER C 92 -1.23 -10.03 -25.03
N SER C 92 -1.21 -10.04 -25.06
CA SER C 92 -2.69 -10.12 -25.20
CA SER C 92 -2.65 -10.06 -25.27
C SER C 92 -3.11 -11.42 -25.88
C SER C 92 -3.11 -11.39 -25.88
N LYS C 93 -2.36 -11.87 -26.86
CA LYS C 93 -2.66 -13.13 -27.52
CA LYS C 93 -2.65 -13.15 -27.52
C LYS C 93 -2.53 -14.30 -26.54
N LEU C 94 -1.47 -14.32 -25.75
CA LEU C 94 -1.29 -15.35 -24.74
C LEU C 94 -2.43 -15.30 -23.71
N ARG C 95 -2.84 -14.09 -23.32
CA ARG C 95 -3.94 -13.98 -22.38
C ARG C 95 -5.23 -14.53 -22.98
N ALA C 96 -5.50 -14.21 -24.24
CA ALA C 96 -6.71 -14.72 -24.91
C ALA C 96 -6.70 -16.25 -24.99
N ALA C 97 -5.50 -16.85 -25.03
CA ALA C 97 -5.36 -18.33 -25.06
C ALA C 97 -5.78 -18.97 -23.75
N LEU C 98 -5.74 -18.21 -22.67
CA LEU C 98 -6.07 -18.69 -21.32
C LEU C 98 -7.45 -18.22 -20.79
N VAL C 99 -7.75 -16.95 -20.99
N VAL C 99 -7.80 -16.93 -20.93
CA VAL C 99 -8.94 -16.32 -20.45
CA VAL C 99 -9.08 -16.36 -20.36
C VAL C 99 -9.97 -16.31 -21.54
C VAL C 99 -10.39 -16.49 -21.17
N ASN C 100 -10.65 -17.43 -21.65
N ASN C 100 -10.40 -17.39 -22.14
CA ASN C 100 -11.67 -17.63 -22.69
CA ASN C 100 -11.57 -17.64 -22.97
C ASN C 100 -12.61 -18.72 -22.29
C ASN C 100 -12.55 -18.68 -22.37
N GLU C 101 -13.79 -18.70 -22.90
CA GLU C 101 -14.84 -19.63 -22.48
C GLU C 101 -14.43 -21.09 -22.59
N LYS C 102 -13.82 -21.46 -23.71
CA LYS C 102 -13.42 -22.85 -23.94
C LYS C 102 -12.45 -23.34 -22.84
N SER C 103 -11.44 -22.53 -22.55
N SER C 103 -11.46 -22.49 -22.56
CA SER C 103 -10.46 -22.88 -21.51
CA SER C 103 -10.45 -22.73 -21.54
C SER C 103 -11.08 -22.95 -20.13
C SER C 103 -11.07 -22.92 -20.17
N PHE C 104 -11.91 -21.96 -19.80
CA PHE C 104 -12.57 -21.98 -18.49
C PHE C 104 -13.58 -23.12 -18.34
N ALA C 105 -14.26 -23.47 -19.42
CA ALA C 105 -15.17 -24.61 -19.39
C ALA C 105 -14.39 -25.91 -19.15
N LYS C 106 -13.21 -26.02 -19.75
CA LYS C 106 -12.35 -27.17 -19.52
C LYS C 106 -11.94 -27.25 -18.05
N ILE C 107 -11.53 -26.13 -17.49
CA ILE C 107 -11.17 -26.07 -16.06
C ILE C 107 -12.38 -26.45 -15.22
N ALA C 108 -13.53 -25.88 -15.55
CA ALA C 108 -14.78 -26.19 -14.83
C ALA C 108 -15.08 -27.69 -14.87
N ASN C 109 -14.95 -28.30 -16.04
CA ASN C 109 -15.19 -29.73 -16.17
C ASN C 109 -14.19 -30.57 -15.32
N SER C 110 -12.96 -30.08 -15.18
CA SER C 110 -11.92 -30.76 -14.33
C SER C 110 -12.32 -30.72 -12.84
N LEU C 111 -13.17 -29.77 -12.49
CA LEU C 111 -13.72 -29.63 -11.14
C LEU C 111 -15.09 -30.30 -10.97
N ASN C 112 -15.57 -30.95 -12.03
CA ASN C 112 -16.95 -31.49 -12.09
C ASN C 112 -17.98 -30.40 -11.76
N LEU C 113 -17.71 -29.20 -12.26
N LEU C 113 -17.72 -29.13 -12.16
CA LEU C 113 -18.47 -28.05 -11.81
CA LEU C 113 -18.60 -27.99 -11.74
C LEU C 113 -19.96 -28.13 -12.17
C LEU C 113 -20.05 -28.18 -12.13
N GLY C 114 -20.28 -28.77 -13.29
CA GLY C 114 -21.65 -28.96 -13.75
C GLY C 114 -22.50 -29.65 -12.70
N ASP C 115 -21.88 -30.52 -11.89
CA ASP C 115 -22.58 -31.27 -10.86
C ASP C 115 -23.14 -30.35 -9.78
N PHE C 116 -22.53 -29.18 -9.61
CA PHE C 116 -22.83 -28.26 -8.49
C PHE C 116 -23.64 -27.00 -8.85
N ILE C 117 -23.74 -26.68 -10.14
CA ILE C 117 -24.41 -25.47 -10.58
C ILE C 117 -25.91 -25.61 -10.44
N LEU C 118 -26.51 -24.61 -9.80
CA LEU C 118 -27.94 -24.56 -9.54
C LEU C 118 -28.66 -23.84 -10.69
N MET C 119 -29.66 -24.50 -11.24
CA MET C 119 -30.41 -23.93 -12.36
C MET C 119 -31.81 -24.54 -12.38
N SER C 120 -32.71 -23.90 -13.10
CA SER C 120 -34.08 -24.38 -13.19
C SER C 120 -34.15 -25.72 -13.90
N VAL C 121 -35.27 -26.41 -13.69
CA VAL C 121 -35.54 -27.68 -14.38
C VAL C 121 -35.45 -27.49 -15.88
N ALA C 122 -36.08 -26.44 -16.39
CA ALA C 122 -36.10 -26.20 -17.83
C ALA C 122 -34.68 -25.99 -18.36
N GLU C 123 -33.88 -25.19 -17.66
CA GLU C 123 -32.51 -24.93 -18.10
C GLU C 123 -31.68 -26.21 -18.09
N GLU C 124 -31.84 -27.01 -17.05
CA GLU C 124 -31.15 -28.28 -16.96
C GLU C 124 -31.56 -29.23 -18.11
N ASN C 125 -32.87 -29.34 -18.35
CA ASN C 125 -33.37 -30.17 -19.47
C ASN C 125 -32.86 -29.72 -20.82
N ASN C 126 -32.58 -28.43 -20.93
CA ASN C 126 -32.03 -27.83 -22.16
C ASN C 126 -30.49 -27.93 -22.25
N GLY C 127 -29.89 -28.72 -21.37
CA GLY C 127 -28.45 -28.96 -21.36
C GLY C 127 -27.61 -27.94 -20.66
N GLY C 128 -28.22 -27.17 -19.76
CA GLY C 128 -27.47 -26.09 -19.10
C GLY C 128 -26.20 -26.48 -18.37
N LYS C 129 -26.20 -27.63 -17.70
CA LYS C 129 -25.00 -28.05 -16.98
C LYS C 129 -23.84 -28.41 -17.87
N GLU C 130 -24.12 -28.54 -19.15
CA GLU C 130 -23.13 -28.87 -20.17
C GLU C 130 -22.75 -27.68 -21.06
N LYS C 131 -23.38 -26.53 -20.85
CA LYS C 131 -23.10 -25.37 -21.68
C LYS C 131 -21.78 -24.74 -21.24
N PRO C 132 -20.84 -24.55 -22.17
CA PRO C 132 -19.57 -23.97 -21.76
C PRO C 132 -19.72 -22.57 -21.19
N SER C 133 -20.68 -21.78 -21.65
CA SER C 133 -20.85 -20.44 -21.09
C SER C 133 -21.22 -20.50 -19.61
N ILE C 134 -22.11 -21.42 -19.27
CA ILE C 134 -22.59 -21.55 -17.88
C ILE C 134 -21.45 -22.06 -16.97
N LEU C 135 -20.71 -23.03 -17.47
CA LEU C 135 -19.56 -23.60 -16.75
C LEU C 135 -18.49 -22.54 -16.56
N SER C 136 -18.13 -21.82 -17.62
CA SER C 136 -17.16 -20.73 -17.54
C SER C 136 -17.60 -19.62 -16.56
N ASP C 137 -18.85 -19.22 -16.66
CA ASP C 137 -19.36 -18.14 -15.80
C ASP C 137 -19.26 -18.55 -14.34
N ALA C 138 -19.63 -19.78 -14.03
CA ALA C 138 -19.58 -20.25 -12.65
C ALA C 138 -18.15 -20.29 -12.13
N LEU C 139 -17.22 -20.78 -12.96
N LEU C 139 -17.21 -20.72 -12.98
CA LEU C 139 -15.81 -20.77 -12.55
CA LEU C 139 -15.82 -20.76 -12.54
C LEU C 139 -15.37 -19.36 -12.20
C LEU C 139 -15.26 -19.34 -12.32
N GLU C 140 -15.64 -18.43 -13.11
N GLU C 140 -15.68 -18.39 -13.16
CA GLU C 140 -15.23 -17.04 -12.88
CA GLU C 140 -15.30 -16.99 -12.95
C GLU C 140 -15.89 -16.45 -11.63
C GLU C 140 -15.89 -16.46 -11.65
N ALA C 141 -17.16 -16.77 -11.42
CA ALA C 141 -17.85 -16.34 -10.19
C ALA C 141 -17.20 -16.90 -8.94
N ILE C 142 -16.78 -18.16 -8.98
CA ILE C 142 -16.08 -18.76 -7.82
C ILE C 142 -14.80 -17.97 -7.54
N ILE C 143 -14.01 -17.67 -8.54
CA ILE C 143 -12.78 -16.91 -8.32
C ILE C 143 -13.11 -15.51 -7.77
N GLY C 144 -14.17 -14.89 -8.30
CA GLY C 144 -14.61 -13.61 -7.74
C GLY C 144 -14.95 -13.73 -6.28
N ALA C 145 -15.65 -14.81 -5.92
CA ALA C 145 -16.06 -15.03 -4.53
C ALA C 145 -14.85 -15.23 -3.62
N ILE C 146 -13.85 -15.97 -4.09
CA ILE C 146 -12.62 -16.14 -3.30
C ILE C 146 -11.93 -14.81 -3.10
N HIS C 147 -11.85 -14.02 -4.16
CA HIS C 147 -11.29 -12.67 -4.04
C HIS C 147 -12.04 -11.83 -3.00
N LEU C 148 -13.36 -11.86 -3.08
CA LEU C 148 -14.21 -11.10 -2.16
C LEU C 148 -13.95 -11.48 -0.71
N GLU C 149 -13.83 -12.77 -0.42
N GLU C 149 -13.85 -12.77 -0.45
CA GLU C 149 -13.69 -13.17 0.99
CA GLU C 149 -13.69 -13.30 0.90
C GLU C 149 -12.22 -13.22 1.46
C GLU C 149 -12.27 -13.32 1.45
N ALA C 150 -11.31 -13.54 0.57
CA ALA C 150 -9.91 -13.78 0.96
C ALA C 150 -8.87 -12.87 0.35
N GLY C 151 -9.27 -12.07 -0.63
CA GLY C 151 -8.38 -11.12 -1.26
C GLY C 151 -7.69 -11.62 -2.50
N PHE C 152 -7.08 -10.67 -3.19
CA PHE C 152 -6.46 -10.93 -4.50
C PHE C 152 -5.39 -12.00 -4.49
N GLU C 153 -4.49 -11.92 -3.52
N GLU C 153 -4.49 -11.88 -3.52
CA GLU C 153 -3.37 -12.86 -3.53
CA GLU C 153 -3.37 -12.82 -3.40
C GLU C 153 -3.85 -14.31 -3.34
C GLU C 153 -3.84 -14.28 -3.31
N PHE C 154 -4.87 -14.50 -2.50
CA PHE C 154 -5.43 -15.86 -2.31
C PHE C 154 -6.15 -16.31 -3.59
N ALA C 155 -6.94 -15.42 -4.17
CA ALA C 155 -7.65 -15.76 -5.40
C ALA C 155 -6.66 -16.12 -6.52
N LYS C 156 -5.57 -15.36 -6.58
CA LYS C 156 -4.49 -15.59 -7.55
C LYS C 156 -3.86 -16.97 -7.36
N THR C 157 -3.58 -17.34 -6.12
CA THR C 157 -2.97 -18.65 -5.86
C THR C 157 -3.89 -19.76 -6.36
N ILE C 158 -5.17 -19.68 -6.03
CA ILE C 158 -6.12 -20.68 -6.46
C ILE C 158 -6.28 -20.72 -7.99
N ALA C 159 -6.44 -19.54 -8.58
CA ALA C 159 -6.62 -19.46 -10.03
C ALA C 159 -5.41 -20.02 -10.77
N LEU C 160 -4.19 -19.68 -10.34
CA LEU C 160 -2.99 -20.19 -11.02
C LEU C 160 -2.82 -21.69 -10.87
N ARG C 161 -3.18 -22.23 -9.72
CA ARG C 161 -3.16 -23.70 -9.58
C ARG C 161 -4.08 -24.34 -10.62
N LEU C 162 -5.31 -23.82 -10.73
CA LEU C 162 -6.26 -24.38 -11.69
C LEU C 162 -5.79 -24.22 -13.13
N ILE C 163 -5.23 -23.07 -13.44
CA ILE C 163 -4.75 -22.81 -14.76
C ILE C 163 -3.55 -23.73 -15.09
N GLU C 164 -2.56 -23.77 -14.21
N GLU C 164 -2.56 -23.76 -14.20
CA GLU C 164 -1.36 -24.58 -14.46
CA GLU C 164 -1.33 -24.52 -14.44
C GLU C 164 -1.61 -26.07 -14.48
C GLU C 164 -1.52 -26.05 -14.36
N LYS C 165 -2.58 -26.53 -13.68
CA LYS C 165 -2.92 -27.98 -13.67
C LYS C 165 -3.53 -28.43 -14.94
N ASN C 166 -3.99 -27.49 -15.77
N ASN C 166 -4.09 -27.47 -15.67
CA ASN C 166 -4.75 -27.79 -17.05
CA ASN C 166 -4.76 -27.71 -16.95
C ASN C 166 -4.20 -27.28 -18.40
C ASN C 166 -3.93 -27.32 -18.15
N PHE C 167 -3.12 -26.49 -18.34
N PHE C 167 -3.35 -26.10 -18.10
CA PHE C 167 -2.61 -25.73 -19.52
CA PHE C 167 -2.66 -25.53 -19.27
C PHE C 167 -1.19 -25.24 -19.24
C PHE C 167 -1.20 -25.13 -19.06
N PRO C 168 -0.33 -26.11 -18.71
CA PRO C 168 1.07 -25.75 -18.45
C PRO C 168 1.80 -25.25 -19.70
N GLN C 169 1.27 -25.58 -20.89
CA GLN C 169 1.92 -25.20 -22.15
C GLN C 169 1.89 -23.73 -22.48
N ILE C 170 1.01 -22.96 -21.83
CA ILE C 170 0.89 -21.52 -22.15
CA ILE C 170 0.88 -21.51 -22.14
C ILE C 170 1.69 -20.68 -21.18
N ASN D 27 13.56 14.82 -11.75
CA ASN D 27 12.35 15.70 -11.71
C ASN D 27 11.15 14.97 -11.11
N ILE D 28 11.14 13.66 -11.35
CA ILE D 28 10.06 12.75 -10.91
C ILE D 28 9.67 12.87 -9.42
N GLU D 29 10.51 13.46 -8.58
CA GLU D 29 10.15 13.59 -7.17
C GLU D 29 8.81 14.31 -6.92
N LYS D 30 8.53 15.33 -7.72
CA LYS D 30 7.26 16.04 -7.61
C LYS D 30 6.06 15.13 -7.90
N LEU D 31 6.24 14.24 -8.87
CA LEU D 31 5.20 13.29 -9.26
C LEU D 31 4.96 12.29 -8.12
N GLU D 32 6.05 11.81 -7.52
CA GLU D 32 5.94 10.87 -6.40
C GLU D 32 5.19 11.51 -5.23
N GLN D 33 5.52 12.78 -4.95
CA GLN D 33 4.82 13.50 -3.91
C GLN D 33 3.32 13.61 -4.20
N SER D 34 2.99 13.93 -5.45
CA SER D 34 1.58 14.02 -5.89
C SER D 34 0.85 12.67 -5.73
N LEU D 35 1.53 11.58 -6.00
CA LEU D 35 0.94 10.24 -5.91
C LEU D 35 0.79 9.73 -4.47
N THR D 36 1.62 10.27 -3.57
N THR D 36 1.63 10.26 -3.58
CA THR D 36 1.81 9.78 -2.18
CA THR D 36 1.85 9.77 -2.19
C THR D 36 2.54 8.43 -2.15
C THR D 36 2.54 8.41 -2.25
N TYR D 37 3.43 8.23 -3.11
N TYR D 37 3.25 8.16 -3.35
CA TYR D 37 4.26 7.02 -3.15
CA TYR D 37 3.99 6.92 -3.56
C TYR D 37 5.61 7.25 -3.78
C TYR D 37 5.40 7.26 -4.01
N GLU D 38 6.65 6.93 -3.01
N GLU D 38 6.37 6.80 -3.22
CA GLU D 38 8.02 7.04 -3.48
CA GLU D 38 7.81 6.93 -3.52
C GLU D 38 8.45 5.66 -3.99
C GLU D 38 8.31 5.60 -4.04
N PHE D 39 8.82 5.58 -5.26
CA PHE D 39 9.31 4.34 -5.84
C PHE D 39 10.61 3.90 -5.20
N LYS D 40 10.71 2.60 -4.98
CA LYS D 40 11.96 2.00 -4.52
C LYS D 40 12.92 1.90 -5.73
N ASP D 41 12.39 1.44 -6.86
CA ASP D 41 13.15 1.38 -8.12
C ASP D 41 12.70 2.56 -8.98
N LYS D 42 13.49 3.63 -9.00
CA LYS D 42 13.13 4.86 -9.72
C LYS D 42 12.99 4.60 -11.23
N ASN D 43 13.79 3.68 -11.72
CA ASN D 43 13.74 3.31 -13.15
C ASN D 43 12.41 2.75 -13.59
N LEU D 44 11.68 2.20 -12.65
N LEU D 44 11.67 2.13 -12.66
CA LEU D 44 10.41 1.63 -12.94
CA LEU D 44 10.30 1.60 -12.96
C LEU D 44 9.35 2.73 -13.24
C LEU D 44 9.38 2.77 -13.31
N LEU D 45 9.45 3.82 -12.50
CA LEU D 45 8.62 5.01 -12.77
C LEU D 45 9.03 5.64 -14.11
N ILE D 46 10.32 5.78 -14.34
CA ILE D 46 10.78 6.32 -15.61
CA ILE D 46 10.84 6.26 -15.63
C ILE D 46 10.27 5.43 -16.76
N HIS D 47 10.31 4.12 -16.59
CA HIS D 47 9.81 3.19 -17.60
C HIS D 47 8.33 3.48 -17.93
N ALA D 48 7.51 3.66 -16.90
CA ALA D 48 6.10 3.97 -17.03
C ALA D 48 5.85 5.28 -17.76
N LEU D 49 6.79 6.21 -17.61
CA LEU D 49 6.71 7.54 -18.24
C LEU D 49 7.29 7.60 -19.67
N THR D 50 7.81 6.49 -20.17
CA THR D 50 8.52 6.46 -21.46
C THR D 50 7.58 6.12 -22.62
N HIS D 51 7.23 7.15 -23.37
CA HIS D 51 6.41 6.97 -24.57
C HIS D 51 7.19 6.17 -25.61
N LYS D 52 6.47 5.42 -26.44
CA LYS D 52 7.05 4.52 -27.46
CA LYS D 52 7.09 4.51 -27.42
C LYS D 52 7.97 5.20 -28.49
N SER D 53 7.87 6.51 -28.64
CA SER D 53 8.72 7.25 -29.60
C SER D 53 10.17 7.41 -29.11
N PHE D 54 10.39 7.25 -27.80
CA PHE D 54 11.61 7.77 -27.16
C PHE D 54 12.87 6.99 -27.35
N MLZ D 55 12.77 5.67 -27.16
CA MLZ D 55 13.95 4.80 -27.10
CB MLZ D 55 14.44 4.77 -25.65
CG MLZ D 55 15.75 4.02 -25.46
CD MLZ D 55 16.16 4.09 -23.99
CE MLZ D 55 16.75 5.45 -23.67
NZ MLZ D 55 17.36 5.50 -22.35
CM MLZ D 55 18.11 6.67 -21.92
C MLZ D 55 13.65 3.40 -27.55
O MLZ D 55 12.67 2.78 -27.12
N LYS D 55 12.78 5.67 -27.17
CA LYS D 55 13.95 4.80 -27.10
C LYS D 55 13.64 3.40 -27.56
N LYS D 56 14.50 2.88 -28.42
CA LYS D 56 14.32 1.57 -28.95
C LYS D 56 14.23 0.54 -27.86
N SER D 57 13.20 -0.30 -27.92
CA SER D 57 13.00 -1.45 -27.06
C SER D 57 12.78 -1.14 -25.59
N TYR D 58 12.41 0.09 -25.28
CA TYR D 58 12.16 0.48 -23.89
C TYR D 58 11.02 1.49 -23.90
N ASN D 59 9.83 1.04 -23.48
CA ASN D 59 8.67 1.95 -23.45
C ASN D 59 7.65 1.42 -22.45
N ASN D 60 6.61 2.22 -22.26
CA ASN D 60 5.58 1.92 -21.25
C ASN D 60 4.45 1.01 -21.68
N GLU D 61 4.55 0.37 -22.84
CA GLU D 61 3.42 -0.43 -23.34
C GLU D 61 3.08 -1.66 -22.50
N ARG D 62 4.08 -2.37 -22.05
CA ARG D 62 3.82 -3.56 -21.20
C ARG D 62 3.23 -3.14 -19.85
N LEU D 63 3.79 -2.10 -19.27
CA LEU D 63 3.26 -1.60 -18.00
C LEU D 63 1.84 -1.08 -18.14
N GLU D 64 1.53 -0.46 -19.29
N GLU D 64 1.53 -0.46 -19.28
CA GLU D 64 0.17 0.01 -19.55
CA GLU D 64 0.17 0.00 -19.56
C GLU D 64 -0.80 -1.18 -19.61
C GLU D 64 -0.80 -1.18 -19.61
N PHE D 65 -0.37 -2.28 -20.25
CA PHE D 65 -1.16 -3.52 -20.30
C PHE D 65 -1.47 -4.01 -18.89
N LEU D 66 -0.43 -4.07 -18.08
CA LEU D 66 -0.59 -4.52 -16.69
C LEU D 66 -1.51 -3.59 -15.89
N GLY D 67 -1.26 -2.29 -16.03
CA GLY D 67 -2.04 -1.27 -15.30
C GLY D 67 -3.51 -1.24 -15.69
N ASP D 68 -3.79 -1.50 -16.97
CA ASP D 68 -5.18 -1.54 -17.42
C ASP D 68 -5.93 -2.70 -16.73
N ALA D 69 -5.26 -3.86 -16.59
CA ALA D 69 -5.86 -4.98 -15.87
C ALA D 69 -6.06 -4.65 -14.39
N VAL D 70 -5.09 -3.97 -13.79
CA VAL D 70 -5.23 -3.52 -12.42
C VAL D 70 -6.45 -2.63 -12.28
N LEU D 71 -6.56 -1.64 -13.17
CA LEU D 71 -7.63 -0.66 -13.06
C LEU D 71 -9.01 -1.25 -13.31
N ASP D 72 -9.10 -2.19 -14.24
CA ASP D 72 -10.38 -2.86 -14.45
C ASP D 72 -10.87 -3.56 -13.18
N LEU D 73 -9.95 -4.15 -12.42
CA LEU D 73 -10.30 -4.77 -11.14
C LEU D 73 -10.58 -3.72 -10.05
N VAL D 74 -9.74 -2.69 -9.95
CA VAL D 74 -9.99 -1.64 -8.97
C VAL D 74 -11.39 -1.07 -9.15
N VAL D 75 -11.71 -0.70 -10.37
CA VAL D 75 -12.99 -0.05 -10.61
C VAL D 75 -14.15 -1.05 -10.58
N GLY D 76 -13.96 -2.23 -11.15
CA GLY D 76 -15.01 -3.25 -11.08
C GLY D 76 -15.40 -3.58 -9.63
N GLU D 77 -14.39 -3.77 -8.80
CA GLU D 77 -14.59 -4.09 -7.38
C GLU D 77 -15.29 -2.92 -6.68
N TYR D 78 -14.81 -1.71 -6.91
CA TYR D 78 -15.42 -0.50 -6.34
C TYR D 78 -16.91 -0.44 -6.65
N LEU D 79 -17.25 -0.63 -7.92
CA LEU D 79 -18.65 -0.56 -8.34
C LEU D 79 -19.48 -1.70 -7.76
N PHE D 80 -18.91 -2.90 -7.74
CA PHE D 80 -19.55 -4.08 -7.14
C PHE D 80 -20.01 -3.79 -5.69
N HIS D 81 -19.11 -3.18 -4.92
N HIS D 81 -19.13 -3.14 -4.92
CA HIS D 81 -19.42 -2.85 -3.51
CA HIS D 81 -19.43 -2.81 -3.51
C HIS D 81 -20.37 -1.64 -3.42
C HIS D 81 -20.24 -1.56 -3.29
N LYS D 82 -20.08 -0.60 -4.18
CA LYS D 82 -20.81 0.68 -4.07
C LYS D 82 -22.27 0.55 -4.46
N PHE D 83 -22.52 -0.27 -5.48
CA PHE D 83 -23.85 -0.45 -6.06
C PHE D 83 -24.22 -1.92 -5.95
N ALA D 84 -24.58 -2.30 -4.72
CA ALA D 84 -24.84 -3.70 -4.36
C ALA D 84 -26.03 -4.29 -5.13
N LYS D 85 -26.90 -3.43 -5.63
CA LYS D 85 -28.10 -3.89 -6.35
C LYS D 85 -27.97 -3.76 -7.86
N ASP D 86 -26.86 -3.18 -8.31
CA ASP D 86 -26.62 -3.05 -9.77
C ASP D 86 -26.33 -4.40 -10.44
N ALA D 87 -27.00 -4.61 -11.56
CA ALA D 87 -26.78 -5.79 -12.39
C ALA D 87 -25.43 -5.70 -13.09
N GLU D 88 -24.96 -6.82 -13.60
CA GLU D 88 -23.67 -6.87 -14.28
C GLU D 88 -23.57 -5.86 -15.43
N GLY D 89 -24.64 -5.72 -16.22
CA GLY D 89 -24.62 -4.79 -17.36
C GLY D 89 -24.40 -3.36 -16.91
N ASP D 90 -24.98 -3.02 -15.76
CA ASP D 90 -24.84 -1.69 -15.15
C ASP D 90 -23.40 -1.50 -14.67
N LEU D 91 -22.88 -2.51 -13.99
CA LEU D 91 -21.51 -2.43 -13.50
C LEU D 91 -20.54 -2.26 -14.70
N SER D 92 -20.80 -3.01 -15.76
N SER D 92 -20.81 -3.02 -15.77
CA SER D 92 -19.96 -2.97 -16.98
CA SER D 92 -19.96 -2.99 -16.99
C SER D 92 -19.96 -1.58 -17.62
C SER D 92 -19.99 -1.66 -17.74
N LYS D 93 -21.16 -1.04 -17.83
CA LYS D 93 -21.27 0.30 -18.48
C LYS D 93 -20.70 1.40 -17.59
N LEU D 94 -20.98 1.35 -16.28
CA LEU D 94 -20.39 2.33 -15.37
C LEU D 94 -18.88 2.20 -15.37
N ARG D 95 -18.38 0.96 -15.43
CA ARG D 95 -16.95 0.79 -15.50
C ARG D 95 -16.39 1.44 -16.79
N ALA D 96 -17.04 1.22 -17.93
CA ALA D 96 -16.63 1.86 -19.21
C ALA D 96 -16.63 3.38 -19.09
N ALA D 97 -17.56 3.93 -18.32
CA ALA D 97 -17.66 5.39 -18.10
C ALA D 97 -16.50 5.96 -17.25
N LEU D 98 -15.79 5.09 -16.53
N LEU D 98 -15.78 5.09 -16.55
CA LEU D 98 -14.64 5.47 -15.66
CA LEU D 98 -14.66 5.48 -15.70
C LEU D 98 -13.28 5.02 -16.21
C LEU D 98 -13.28 5.02 -16.21
N VAL D 99 -13.23 3.81 -16.73
CA VAL D 99 -11.98 3.21 -17.23
C VAL D 99 -11.93 3.50 -18.74
N ASN D 100 -11.36 4.64 -19.09
CA ASN D 100 -11.32 5.08 -20.47
C ASN D 100 -10.30 6.20 -20.62
N GLU D 101 -9.96 6.45 -21.87
CA GLU D 101 -8.93 7.42 -22.20
C GLU D 101 -9.22 8.81 -21.68
N LYS D 102 -10.45 9.27 -21.85
CA LYS D 102 -10.81 10.62 -21.37
C LYS D 102 -10.63 10.76 -19.87
N SER D 103 -11.13 9.81 -19.12
N SER D 103 -11.14 9.78 -19.15
CA SER D 103 -11.01 9.87 -17.66
CA SER D 103 -11.08 9.75 -17.70
C SER D 103 -9.55 9.83 -17.24
C SER D 103 -9.64 9.72 -17.19
N PHE D 104 -8.81 8.91 -17.82
CA PHE D 104 -7.41 8.76 -17.44
C PHE D 104 -6.56 9.96 -17.88
N ALA D 105 -6.86 10.57 -19.03
CA ALA D 105 -6.16 11.78 -19.44
C ALA D 105 -6.46 12.92 -18.45
N LYS D 106 -7.70 12.99 -17.95
CA LYS D 106 -8.07 14.01 -16.95
C LYS D 106 -7.24 13.81 -15.68
N ILE D 107 -7.17 12.58 -15.21
CA ILE D 107 -6.40 12.26 -14.01
C ILE D 107 -4.93 12.61 -14.28
N ALA D 108 -4.43 12.21 -15.46
CA ALA D 108 -3.04 12.50 -15.83
C ALA D 108 -2.75 14.00 -15.75
N ASN D 109 -3.64 14.78 -16.32
CA ASN D 109 -3.46 16.24 -16.29
C ASN D 109 -3.46 16.79 -14.85
N SER D 110 -4.27 16.20 -13.98
CA SER D 110 -4.31 16.60 -12.54
C SER D 110 -2.95 16.37 -11.84
N LEU D 111 -2.16 15.45 -12.39
CA LEU D 111 -0.80 15.14 -11.91
C LEU D 111 0.30 15.83 -12.73
N ASN D 112 -0.10 16.68 -13.67
CA ASN D 112 0.84 17.34 -14.60
C ASN D 112 1.71 16.33 -15.33
N LEU D 113 1.14 15.18 -15.72
N LEU D 113 1.09 15.24 -15.71
CA LEU D 113 1.97 14.11 -16.33
CA LEU D 113 1.83 14.12 -16.25
C LEU D 113 2.66 14.54 -17.59
C LEU D 113 2.58 14.48 -17.56
N GLY D 114 2.04 15.42 -18.33
CA GLY D 114 2.70 15.92 -19.54
C GLY D 114 4.11 16.47 -19.23
N ASP D 115 4.33 16.97 -18.01
CA ASP D 115 5.64 17.49 -17.59
C ASP D 115 6.71 16.42 -17.38
N PHE D 116 6.28 15.17 -17.24
CA PHE D 116 7.16 14.06 -16.85
C PHE D 116 7.35 13.00 -17.93
N ILE D 117 6.43 12.95 -18.88
CA ILE D 117 6.47 11.92 -19.91
C ILE D 117 7.66 12.17 -20.84
N LEU D 118 8.36 11.09 -21.19
N LEU D 118 8.37 11.09 -21.16
CA LEU D 118 9.53 11.12 -22.08
CA LEU D 118 9.52 11.13 -22.05
C LEU D 118 9.13 10.73 -23.48
C LEU D 118 9.06 10.77 -23.46
N MET D 119 9.37 11.63 -24.41
CA MET D 119 9.01 11.40 -25.82
C MET D 119 10.01 12.11 -26.70
N SER D 120 10.08 11.69 -27.95
CA SER D 120 11.03 12.28 -28.88
C SER D 120 10.70 13.74 -29.18
N VAL D 121 11.70 14.45 -29.71
CA VAL D 121 11.50 15.83 -30.13
C VAL D 121 10.33 15.91 -31.14
N ALA D 122 10.32 15.04 -32.14
CA ALA D 122 9.28 15.07 -33.16
C ALA D 122 7.91 14.83 -32.55
N GLU D 123 7.82 13.89 -31.61
CA GLU D 123 6.54 13.60 -30.96
C GLU D 123 6.06 14.82 -30.17
N GLU D 124 6.97 15.45 -29.44
CA GLU D 124 6.61 16.68 -28.73
C GLU D 124 6.16 17.79 -29.68
N ASN D 125 6.90 17.95 -30.77
CA ASN D 125 6.54 18.96 -31.79
C ASN D 125 5.20 18.69 -32.46
N ASN D 126 4.79 17.42 -32.47
CA ASN D 126 3.49 17.00 -32.99
C ASN D 126 2.37 17.01 -31.95
N GLY D 127 2.62 17.64 -30.81
CA GLY D 127 1.62 17.82 -29.75
C GLY D 127 1.48 16.66 -28.79
N GLY D 128 2.49 15.80 -28.71
CA GLY D 128 2.40 14.60 -27.86
C GLY D 128 2.07 14.83 -26.39
N LYS D 129 2.57 15.91 -25.81
CA LYS D 129 2.33 16.18 -24.40
C LYS D 129 0.86 16.39 -24.06
N GLU D 130 0.07 16.73 -25.06
CA GLU D 130 -1.35 16.96 -24.88
C GLU D 130 -2.22 15.86 -25.50
N LYS D 131 -1.63 14.81 -26.06
CA LYS D 131 -2.45 13.74 -26.64
C LYS D 131 -3.10 12.91 -25.53
N PRO D 132 -4.44 12.79 -25.56
CA PRO D 132 -5.08 12.03 -24.51
C PRO D 132 -4.59 10.59 -24.41
N SER D 133 -4.30 9.98 -25.54
CA SER D 133 -3.81 8.59 -25.51
C SER D 133 -2.47 8.45 -24.78
N ILE D 134 -1.57 9.40 -25.01
CA ILE D 134 -0.25 9.37 -24.37
C ILE D 134 -0.38 9.58 -22.87
N LEU D 135 -1.21 10.56 -22.49
CA LEU D 135 -1.47 10.86 -21.09
C LEU D 135 -2.11 9.68 -20.35
N SER D 136 -3.15 9.15 -20.96
CA SER D 136 -3.87 7.99 -20.40
C SER D 136 -2.96 6.76 -20.28
N ASP D 137 -2.21 6.48 -21.32
CA ASP D 137 -1.32 5.31 -21.30
C ASP D 137 -0.30 5.43 -20.18
N ALA D 138 0.28 6.62 -20.03
CA ALA D 138 1.29 6.84 -18.97
C ALA D 138 0.66 6.65 -17.59
N LEU D 139 -0.54 7.17 -17.38
N LEU D 139 -0.56 7.13 -17.39
CA LEU D 139 -1.21 7.01 -16.08
CA LEU D 139 -1.23 6.99 -16.10
C LEU D 139 -1.41 5.54 -15.80
C LEU D 139 -1.51 5.52 -15.81
N GLU D 140 -1.98 4.82 -16.78
N GLU D 140 -1.97 4.78 -16.81
CA GLU D 140 -2.24 3.39 -16.57
CA GLU D 140 -2.21 3.35 -16.60
C GLU D 140 -0.91 2.64 -16.31
C GLU D 140 -0.90 2.62 -16.31
N ALA D 141 0.15 3.01 -17.03
CA ALA D 141 1.48 2.38 -16.82
C ALA D 141 2.02 2.65 -15.41
N ILE D 142 1.77 3.85 -14.88
CA ILE D 142 2.19 4.16 -13.53
C ILE D 142 1.47 3.26 -12.51
N ILE D 143 0.18 3.07 -12.71
CA ILE D 143 -0.58 2.18 -11.83
C ILE D 143 -0.04 0.74 -11.95
N GLY D 144 0.27 0.33 -13.18
CA GLY D 144 0.89 -0.97 -13.39
C GLY D 144 2.21 -1.14 -12.66
N ALA D 145 3.02 -0.10 -12.71
CA ALA D 145 4.32 -0.07 -12.04
C ALA D 145 4.18 -0.13 -10.52
N ILE D 146 3.20 0.58 -9.97
CA ILE D 146 2.96 0.52 -8.53
C ILE D 146 2.50 -0.90 -8.14
N HIS D 147 1.62 -1.48 -8.95
CA HIS D 147 1.22 -2.85 -8.72
C HIS D 147 2.43 -3.80 -8.72
N LEU D 148 3.29 -3.64 -9.72
CA LEU D 148 4.48 -4.49 -9.87
C LEU D 148 5.37 -4.39 -8.63
N GLU D 149 5.59 -3.19 -8.16
CA GLU D 149 6.50 -3.00 -7.03
C GLU D 149 5.88 -3.27 -5.68
N ALA D 150 4.61 -2.93 -5.54
CA ALA D 150 3.96 -2.85 -4.22
C ALA D 150 2.72 -3.73 -4.02
N GLY D 151 2.21 -4.32 -5.09
CA GLY D 151 1.06 -5.20 -5.05
C GLY D 151 -0.28 -4.53 -5.33
N PHE D 152 -1.29 -5.39 -5.53
CA PHE D 152 -2.60 -4.92 -5.96
C PHE D 152 -3.26 -3.96 -4.99
N GLU D 153 -3.25 -4.31 -3.72
CA GLU D 153 -3.98 -3.50 -2.72
C GLU D 153 -3.44 -2.10 -2.64
N PHE D 154 -2.13 -1.97 -2.74
N PHE D 154 -2.10 -1.95 -2.72
CA PHE D 154 -1.54 -0.66 -2.70
CA PHE D 154 -1.45 -0.65 -2.71
C PHE D 154 -1.81 0.14 -3.98
C PHE D 154 -1.88 0.13 -3.98
N ALA D 155 -1.73 -0.51 -5.13
CA ALA D 155 -2.11 0.14 -6.41
C ALA D 155 -3.58 0.58 -6.36
N LYS D 156 -4.43 -0.24 -5.75
CA LYS D 156 -5.83 0.07 -5.58
C LYS D 156 -6.05 1.34 -4.77
N THR D 157 -5.40 1.42 -3.61
CA THR D 157 -5.58 2.60 -2.75
C THR D 157 -5.10 3.86 -3.48
N ILE D 158 -3.99 3.77 -4.19
CA ILE D 158 -3.46 4.93 -4.96
C ILE D 158 -4.45 5.33 -6.06
N ALA D 159 -4.95 4.36 -6.82
CA ALA D 159 -5.87 4.60 -7.91
C ALA D 159 -7.19 5.15 -7.42
N LEU D 160 -7.73 4.59 -6.33
CA LEU D 160 -8.99 5.09 -5.81
C LEU D 160 -8.88 6.55 -5.35
N ARG D 161 -7.76 6.90 -4.75
N ARG D 161 -7.77 6.89 -4.72
CA ARG D 161 -7.53 8.26 -4.31
CA ARG D 161 -7.54 8.29 -4.33
C ARG D 161 -7.51 9.24 -5.51
C ARG D 161 -7.61 9.18 -5.56
N LEU D 162 -6.87 8.83 -6.61
CA LEU D 162 -6.85 9.65 -7.83
C LEU D 162 -8.24 9.78 -8.45
N ILE D 163 -8.98 8.69 -8.48
CA ILE D 163 -10.33 8.71 -9.04
C ILE D 163 -11.26 9.59 -8.16
N GLU D 164 -11.16 9.39 -6.85
N GLU D 164 -11.22 9.37 -6.86
CA GLU D 164 -11.92 10.16 -5.81
CA GLU D 164 -12.08 10.15 -5.95
C GLU D 164 -11.75 11.66 -6.02
C GLU D 164 -11.75 11.67 -5.88
N LYS D 165 -10.50 12.04 -6.17
CA LYS D 165 -10.11 13.47 -6.28
C LYS D 165 -10.61 14.08 -7.60
N ASN D 166 -10.64 13.29 -8.66
CA ASN D 166 -11.02 13.77 -10.00
C ASN D 166 -12.48 13.60 -10.35
N PHE D 167 -13.14 12.67 -9.66
CA PHE D 167 -14.56 12.38 -9.86
C PHE D 167 -15.23 12.24 -8.47
N PRO D 168 -15.40 13.36 -7.77
CA PRO D 168 -15.89 13.36 -6.39
C PRO D 168 -17.36 12.99 -6.24
N ILE D 170 -19.57 10.48 -7.68
CA ILE D 170 -19.85 9.25 -8.40
C ILE D 170 -21.19 8.66 -7.95
CL CL E . 17.19 19.56 4.91
CL CL F . -1.07 -6.03 19.95
CL CL G . -23.44 -10.54 -5.81
CL CL H . 8.10 -3.56 -18.88
#